data_1SFC
#
_entry.id   1SFC
#
_cell.length_a   98.715
_cell.length_b   111.071
_cell.length_c   198.844
_cell.angle_alpha   90.00
_cell.angle_beta   90.00
_cell.angle_gamma   90.00
#
_symmetry.space_group_name_H-M   'I 2 2 2'
#
loop_
_entity.id
_entity.type
_entity.pdbx_description
1 polymer 'PROTEIN (SYNAPTOBREVIN 2)'
2 polymer 'PROTEIN (SYNTAXIN 1A)'
3 polymer 'PROTEIN (SNAP-25B)'
4 polymer 'PROTEIN (SNAP-25B)'
5 non-polymer 'STRONTIUM ION'
6 non-polymer (4S)-2-METHYL-2,4-PENTANEDIOL
7 water water
#
loop_
_entity_poly.entity_id
_entity_poly.type
_entity_poly.pdbx_seq_one_letter_code
_entity_poly.pdbx_strand_id
1 'polypeptide(L)'
;MSATAATVPPAAPAGEGGPPAPPPNLTSNRRLQQTQAQVDEVVDIMRVNVDKVLERDQKLSELDDRADALQAGASQFETS
AAKLKRKYWWKNLKMM
;
A,E,I
2 'polypeptide(L)'
;GIIMDSSISKQALSEIETRHSEIIKLENSIRELHDMFMDMAMLVESQGEMIDRIEYNVEHAVDYVERAVSDTKKAVKYQS
KAR
;
B,F,J
3 'polypeptide(L)'
;MAEDADMRNELEEMQRRADQLADESLESTRRMLQLVEESKDAGIRTLVMLDEQGEQLDRVEEGMNHINQDMKEAEKNLKD
LGK
;
C,G,K
4 'polypeptide(L)'
;VVDEREQMAISGGFIRRVTNDARENEMDENLEQVSGIIGNLRHMALDMGNEIDTQNRQIDRIMEKADSNKTRIDEANQRA
TKMLGSG
;
D,H,L
#
loop_
_chem_comp.id
_chem_comp.type
_chem_comp.name
_chem_comp.formula
MPD non-polymer (4S)-2-METHYL-2,4-PENTANEDIOL 'C6 H14 O2'
SR non-polymer 'STRONTIUM ION' 'Sr 2'
#
# COMPACT_ATOMS: atom_id res chain seq x y z
N ASN A 25 57.21 -20.14 17.41
CA ASN A 25 57.96 -20.05 16.12
C ASN A 25 58.67 -18.69 15.96
N LEU A 26 58.04 -17.67 16.52
CA LEU A 26 58.48 -16.27 16.48
C LEU A 26 57.22 -15.60 15.98
N THR A 27 56.13 -16.37 16.04
CA THR A 27 54.80 -15.96 15.61
C THR A 27 53.88 -16.45 16.71
N SER A 28 52.80 -15.71 16.98
CA SER A 28 51.86 -16.10 18.02
C SER A 28 50.45 -15.73 17.65
N ASN A 29 49.51 -16.06 18.54
CA ASN A 29 48.10 -15.75 18.37
C ASN A 29 47.82 -14.41 19.03
N ARG A 30 48.71 -13.44 18.87
CA ARG A 30 48.48 -12.18 19.54
C ARG A 30 47.37 -11.38 18.90
N ARG A 31 47.49 -11.10 17.61
CA ARG A 31 46.43 -10.34 16.94
C ARG A 31 45.11 -11.07 17.11
N LEU A 32 45.14 -12.39 17.00
CA LEU A 32 43.94 -13.20 17.16
C LEU A 32 43.33 -12.86 18.51
N GLN A 33 44.17 -12.61 19.50
CA GLN A 33 43.68 -12.25 20.82
C GLN A 33 43.15 -10.82 20.80
N GLN A 34 43.71 -9.98 19.94
CA GLN A 34 43.24 -8.59 19.83
C GLN A 34 41.89 -8.64 19.14
N THR A 35 41.86 -9.24 17.95
CA THR A 35 40.63 -9.38 17.19
C THR A 35 39.53 -9.90 18.12
N GLN A 36 39.88 -10.92 18.89
CA GLN A 36 38.94 -11.51 19.84
C GLN A 36 38.44 -10.47 20.85
N ALA A 37 39.29 -9.51 21.18
CA ALA A 37 38.90 -8.49 22.15
C ALA A 37 38.06 -7.37 21.56
N GLN A 38 38.36 -6.98 20.32
CA GLN A 38 37.56 -5.93 19.73
C GLN A 38 36.18 -6.48 19.43
N VAL A 39 36.12 -7.71 18.94
CA VAL A 39 34.83 -8.32 18.65
C VAL A 39 33.98 -8.15 19.89
N ASP A 40 34.50 -8.64 21.02
CA ASP A 40 33.75 -8.54 22.28
C ASP A 40 33.42 -7.09 22.64
N GLU A 41 34.20 -6.16 22.11
CA GLU A 41 33.94 -4.75 22.37
C GLU A 41 32.68 -4.40 21.59
N VAL A 42 32.74 -4.62 20.28
CA VAL A 42 31.61 -4.31 19.42
C VAL A 42 30.38 -4.97 19.98
N VAL A 43 30.57 -6.12 20.61
CA VAL A 43 29.47 -6.83 21.22
C VAL A 43 28.90 -5.97 22.32
N ASP A 44 29.78 -5.28 23.04
CA ASP A 44 29.33 -4.41 24.11
C ASP A 44 28.61 -3.20 23.58
N ILE A 45 29.18 -2.59 22.55
CA ILE A 45 28.59 -1.42 21.93
C ILE A 45 27.19 -1.79 21.50
N MET A 46 27.07 -2.91 20.79
CA MET A 46 25.78 -3.39 20.32
C MET A 46 24.81 -3.76 21.44
N ARG A 47 25.30 -4.07 22.63
CA ARG A 47 24.36 -4.40 23.70
C ARG A 47 23.76 -3.09 24.15
N VAL A 48 24.59 -2.05 24.12
CA VAL A 48 24.13 -0.73 24.52
C VAL A 48 23.18 -0.19 23.46
N ASN A 49 23.49 -0.48 22.20
CA ASN A 49 22.64 -0.03 21.12
C ASN A 49 21.29 -0.67 21.30
N VAL A 50 21.29 -1.93 21.72
CA VAL A 50 20.03 -2.65 21.92
C VAL A 50 19.16 -1.94 22.93
N ASP A 51 19.76 -1.59 24.07
CA ASP A 51 18.98 -0.88 25.09
C ASP A 51 18.41 0.40 24.49
N LYS A 52 19.22 1.08 23.68
CA LYS A 52 18.81 2.33 23.05
C LYS A 52 17.67 2.13 22.07
N VAL A 53 17.78 1.10 21.23
CA VAL A 53 16.74 0.84 20.24
C VAL A 53 15.44 0.48 20.95
N LEU A 54 15.55 -0.15 22.12
CA LEU A 54 14.35 -0.51 22.87
C LEU A 54 13.80 0.75 23.49
N GLU A 55 14.68 1.66 23.88
CA GLU A 55 14.24 2.92 24.46
C GLU A 55 13.55 3.65 23.31
N ARG A 56 14.03 3.39 22.09
CA ARG A 56 13.46 4.02 20.89
C ARG A 56 12.13 3.36 20.57
N ASP A 57 12.09 2.04 20.71
CA ASP A 57 10.87 1.32 20.44
C ASP A 57 9.79 1.84 21.38
N GLN A 58 10.19 2.17 22.59
CA GLN A 58 9.23 2.68 23.57
C GLN A 58 8.73 4.04 23.15
N LYS A 59 9.65 4.92 22.79
CA LYS A 59 9.31 6.27 22.38
C LYS A 59 8.47 6.30 21.11
N LEU A 60 8.91 5.57 20.08
CA LEU A 60 8.18 5.51 18.83
C LEU A 60 6.74 5.12 19.12
N SER A 61 6.58 4.17 20.04
CA SER A 61 5.26 3.70 20.41
C SER A 61 4.41 4.83 20.96
N GLU A 62 4.99 5.67 21.79
CA GLU A 62 4.25 6.79 22.37
C GLU A 62 3.93 7.83 21.30
N LEU A 63 4.85 8.02 20.37
CA LEU A 63 4.62 8.98 19.30
C LEU A 63 3.51 8.39 18.45
N ASP A 64 3.55 7.07 18.26
CA ASP A 64 2.52 6.38 17.49
C ASP A 64 1.19 6.76 18.12
N ASP A 65 1.12 6.66 19.45
CA ASP A 65 -0.09 7.02 20.17
C ASP A 65 -0.41 8.50 20.05
N ARG A 66 0.58 9.35 20.31
CA ARG A 66 0.36 10.80 20.21
C ARG A 66 0.07 11.24 18.80
N ALA A 67 0.46 10.42 17.82
CA ALA A 67 0.22 10.76 16.43
C ALA A 67 -1.18 10.26 16.10
N ASP A 68 -1.57 9.18 16.78
CA ASP A 68 -2.86 8.56 16.56
C ASP A 68 -3.95 9.46 17.17
N ALA A 69 -3.66 10.03 18.34
CA ALA A 69 -4.62 10.90 19.03
C ALA A 69 -4.72 12.19 18.27
N LEU A 70 -3.59 12.64 17.75
CA LEU A 70 -3.51 13.88 16.98
C LEU A 70 -4.40 13.80 15.74
N GLN A 71 -4.33 12.69 15.03
CA GLN A 71 -5.15 12.50 13.84
C GLN A 71 -6.60 12.57 14.25
N ALA A 72 -6.93 11.85 15.31
CA ALA A 72 -8.30 11.81 15.79
C ALA A 72 -8.76 13.21 16.11
N GLY A 73 -7.91 13.95 16.84
CA GLY A 73 -8.27 15.31 17.20
C GLY A 73 -8.44 16.25 16.03
N ALA A 74 -7.52 16.19 15.08
CA ALA A 74 -7.62 17.06 13.92
C ALA A 74 -8.82 16.62 13.08
N SER A 75 -9.09 15.31 13.08
CA SER A 75 -10.20 14.77 12.32
C SER A 75 -11.49 15.41 12.81
N GLN A 76 -11.57 15.58 14.11
CA GLN A 76 -12.74 16.18 14.73
C GLN A 76 -12.84 17.67 14.40
N PHE A 77 -11.72 18.39 14.47
CA PHE A 77 -11.74 19.82 14.17
C PHE A 77 -12.10 20.05 12.70
N GLU A 78 -11.72 19.10 11.85
CA GLU A 78 -12.00 19.16 10.43
C GLU A 78 -13.51 19.14 10.29
N THR A 79 -14.14 18.25 11.07
CA THR A 79 -15.58 18.11 11.09
C THR A 79 -16.25 19.39 11.58
N SER A 80 -15.85 19.87 12.75
CA SER A 80 -16.42 21.09 13.29
C SER A 80 -16.29 22.18 12.24
N ALA A 81 -15.09 22.32 11.68
CA ALA A 81 -14.82 23.35 10.69
C ALA A 81 -15.73 23.26 9.48
N ALA A 82 -15.97 22.03 9.03
CA ALA A 82 -16.82 21.82 7.87
C ALA A 82 -18.24 22.28 8.15
N LYS A 83 -18.82 21.76 9.23
CA LYS A 83 -20.18 22.13 9.60
C LYS A 83 -20.23 23.63 9.82
N LEU A 84 -19.23 24.14 10.54
CA LEU A 84 -19.16 25.57 10.83
C LEU A 84 -19.29 26.37 9.54
N LYS A 85 -18.55 25.96 8.51
CA LYS A 85 -18.60 26.63 7.21
C LYS A 85 -19.99 26.51 6.56
N ARG A 86 -20.59 25.32 6.70
CA ARG A 86 -21.90 25.05 6.13
C ARG A 86 -22.98 25.90 6.79
N LYS A 87 -22.77 26.21 8.07
CA LYS A 87 -23.71 27.02 8.84
C LYS A 87 -23.81 28.39 8.18
N TYR A 88 -22.73 29.14 8.22
CA TYR A 88 -22.70 30.46 7.62
C TYR A 88 -22.86 30.50 6.11
N TRP A 89 -22.68 29.36 5.43
CA TRP A 89 -22.85 29.38 3.99
C TRP A 89 -24.32 29.56 3.74
N TRP A 90 -25.12 28.75 4.44
CA TRP A 90 -26.56 28.82 4.31
C TRP A 90 -27.19 29.93 5.14
N LYS A 91 -26.54 30.34 6.23
CA LYS A 91 -27.11 31.44 7.03
C LYS A 91 -27.18 32.64 6.08
N ASN A 92 -26.21 32.71 5.18
CA ASN A 92 -26.11 33.77 4.19
C ASN A 92 -27.00 33.45 2.98
N LEU A 93 -27.54 32.24 2.94
CA LEU A 93 -28.41 31.80 1.84
C LEU A 93 -27.73 31.93 0.47
N SER B 9 59.06 -34.93 20.33
CA SER B 9 58.73 -33.68 21.09
C SER B 9 57.60 -32.95 20.39
N LYS B 10 56.40 -33.53 20.44
CA LYS B 10 55.28 -32.88 19.79
C LYS B 10 54.53 -32.05 20.82
N GLN B 11 55.15 -30.94 21.20
CA GLN B 11 54.56 -29.99 22.12
C GLN B 11 53.78 -29.16 21.11
N ALA B 12 54.17 -29.35 19.85
CA ALA B 12 53.53 -28.67 18.74
C ALA B 12 52.05 -28.95 18.86
N LEU B 13 51.68 -30.13 19.35
CA LEU B 13 50.27 -30.44 19.50
C LEU B 13 49.68 -29.51 20.55
N SER B 14 50.48 -29.20 21.56
CA SER B 14 50.02 -28.32 22.61
C SER B 14 49.61 -26.99 22.02
N GLU B 15 50.48 -26.43 21.18
CA GLU B 15 50.21 -25.16 20.55
C GLU B 15 48.95 -25.24 19.69
N ILE B 16 48.95 -26.16 18.72
CA ILE B 16 47.81 -26.37 17.84
C ILE B 16 46.52 -26.45 18.63
N GLU B 17 46.58 -27.09 19.79
CA GLU B 17 45.38 -27.22 20.60
C GLU B 17 45.04 -25.86 21.21
N THR B 18 46.07 -25.08 21.55
CA THR B 18 45.85 -23.76 22.13
C THR B 18 45.26 -22.85 21.06
N ARG B 19 45.93 -22.77 19.93
CA ARG B 19 45.46 -21.95 18.82
C ARG B 19 44.01 -22.34 18.53
N HIS B 20 43.76 -23.63 18.42
CA HIS B 20 42.40 -24.07 18.14
C HIS B 20 41.44 -23.50 19.17
N SER B 21 41.79 -23.61 20.44
CA SER B 21 40.92 -23.10 21.49
C SER B 21 40.64 -21.61 21.25
N GLU B 22 41.70 -20.87 20.90
CA GLU B 22 41.58 -19.45 20.65
C GLU B 22 40.62 -19.19 19.49
N ILE B 23 40.84 -19.89 18.38
CA ILE B 23 39.99 -19.74 17.20
C ILE B 23 38.53 -20.07 17.45
N ILE B 24 38.21 -21.14 18.16
CA ILE B 24 36.79 -21.40 18.37
C ILE B 24 36.23 -20.39 19.36
N LYS B 25 37.09 -19.92 20.26
CA LYS B 25 36.63 -18.94 21.24
C LYS B 25 36.18 -17.70 20.48
N LEU B 26 36.96 -17.33 19.47
CA LEU B 26 36.64 -16.16 18.65
C LEU B 26 35.37 -16.39 17.85
N GLU B 27 35.22 -17.59 17.29
CA GLU B 27 34.03 -17.88 16.51
C GLU B 27 32.78 -17.74 17.35
N ASN B 28 32.88 -18.13 18.62
CA ASN B 28 31.73 -18.01 19.52
C ASN B 28 31.35 -16.55 19.68
N SER B 29 32.35 -15.70 19.88
CA SER B 29 32.11 -14.29 20.04
C SER B 29 31.50 -13.74 18.76
N ILE B 30 32.17 -13.97 17.65
CA ILE B 30 31.67 -13.53 16.36
C ILE B 30 30.23 -14.01 16.20
N ARG B 31 29.86 -15.04 16.97
CA ARG B 31 28.50 -15.60 16.96
C ARG B 31 27.55 -14.69 17.72
N GLU B 32 27.94 -14.29 18.93
CA GLU B 32 27.10 -13.39 19.72
C GLU B 32 26.93 -12.12 18.88
N LEU B 33 28.05 -11.59 18.40
CA LEU B 33 28.02 -10.37 17.62
C LEU B 33 27.17 -10.51 16.38
N HIS B 34 27.27 -11.65 15.70
CA HIS B 34 26.49 -11.86 14.50
C HIS B 34 25.01 -11.79 14.80
N ASP B 35 24.57 -12.52 15.82
CA ASP B 35 23.15 -12.49 16.15
C ASP B 35 22.77 -11.09 16.61
N MET B 36 23.63 -10.47 17.39
CA MET B 36 23.38 -9.13 17.89
C MET B 36 22.98 -8.23 16.70
N PHE B 37 23.73 -8.29 15.61
CA PHE B 37 23.41 -7.47 14.45
C PHE B 37 22.10 -7.88 13.81
N MET B 38 21.81 -9.18 13.80
CA MET B 38 20.56 -9.66 13.20
C MET B 38 19.42 -9.11 14.00
N ASP B 39 19.56 -9.10 15.32
CA ASP B 39 18.49 -8.58 16.16
C ASP B 39 18.22 -7.10 15.91
N MET B 40 19.26 -6.27 15.97
CA MET B 40 19.05 -4.85 15.71
C MET B 40 18.36 -4.70 14.37
N ALA B 41 18.91 -5.34 13.34
CA ALA B 41 18.32 -5.29 12.01
C ALA B 41 16.80 -5.56 12.08
N MET B 42 16.42 -6.67 12.69
CA MET B 42 15.01 -6.99 12.76
C MET B 42 14.28 -6.01 13.67
N LEU B 43 14.95 -5.50 14.69
CA LEU B 43 14.28 -4.56 15.58
C LEU B 43 13.90 -3.26 14.88
N VAL B 44 14.87 -2.58 14.26
CA VAL B 44 14.55 -1.31 13.60
C VAL B 44 13.71 -1.54 12.35
N GLU B 45 13.84 -2.69 11.71
CA GLU B 45 13.01 -2.94 10.53
C GLU B 45 11.57 -2.95 11.01
N SER B 46 11.36 -3.60 12.15
CA SER B 46 10.05 -3.68 12.74
C SER B 46 9.58 -2.28 13.12
N GLN B 47 10.49 -1.50 13.70
CA GLN B 47 10.12 -0.15 14.13
C GLN B 47 9.73 0.73 12.95
N GLY B 48 10.26 0.40 11.77
CA GLY B 48 9.94 1.19 10.60
C GLY B 48 8.44 1.12 10.38
N GLU B 49 7.88 -0.03 10.74
CA GLU B 49 6.46 -0.24 10.58
C GLU B 49 5.71 0.71 11.49
N MET B 50 6.30 1.02 12.63
CA MET B 50 5.67 1.93 13.58
C MET B 50 5.89 3.37 13.16
N ILE B 51 6.97 3.63 12.44
CA ILE B 51 7.23 5.00 12.02
C ILE B 51 6.39 5.41 10.83
N ASP B 52 6.19 4.53 9.86
CA ASP B 52 5.38 5.01 8.75
C ASP B 52 3.90 5.08 9.11
N ARG B 53 3.52 4.40 10.19
CA ARG B 53 2.13 4.48 10.64
C ARG B 53 1.96 5.86 11.21
N ILE B 54 2.99 6.31 11.92
CA ILE B 54 3.03 7.64 12.52
C ILE B 54 3.10 8.68 11.42
N GLU B 55 3.75 8.30 10.31
CA GLU B 55 3.89 9.24 9.22
C GLU B 55 2.54 9.51 8.58
N TYR B 56 1.75 8.47 8.34
CA TYR B 56 0.47 8.72 7.69
C TYR B 56 -0.52 9.37 8.63
N ASN B 57 -0.51 9.00 9.91
CA ASN B 57 -1.45 9.63 10.82
C ASN B 57 -1.17 11.12 10.90
N VAL B 58 0.11 11.51 10.84
CA VAL B 58 0.42 12.92 10.90
C VAL B 58 0.13 13.58 9.58
N GLU B 59 0.42 12.90 8.48
CA GLU B 59 0.14 13.51 7.19
C GLU B 59 -1.35 13.84 7.21
N HIS B 60 -2.17 12.85 7.58
CA HIS B 60 -3.61 13.06 7.65
C HIS B 60 -3.95 14.29 8.49
N ALA B 61 -3.48 14.29 9.74
CA ALA B 61 -3.72 15.41 10.67
C ALA B 61 -3.37 16.77 10.06
N VAL B 62 -2.27 16.82 9.30
CA VAL B 62 -1.89 18.07 8.66
C VAL B 62 -2.97 18.44 7.62
N ASP B 63 -3.42 17.45 6.86
CA ASP B 63 -4.44 17.69 5.84
C ASP B 63 -5.67 18.25 6.54
N TYR B 64 -6.16 17.54 7.56
CA TYR B 64 -7.32 17.99 8.31
C TYR B 64 -7.14 19.40 8.85
N VAL B 65 -5.98 19.70 9.44
CA VAL B 65 -5.81 21.05 9.97
C VAL B 65 -5.89 22.06 8.84
N GLU B 66 -5.20 21.78 7.74
CA GLU B 66 -5.24 22.70 6.61
C GLU B 66 -6.68 22.94 6.22
N ARG B 67 -7.43 21.86 6.01
CA ARG B 67 -8.83 21.98 5.60
C ARG B 67 -9.59 22.81 6.62
N ALA B 68 -9.46 22.42 7.88
CA ALA B 68 -10.13 23.13 8.95
C ALA B 68 -9.84 24.63 8.81
N VAL B 69 -8.60 25.00 8.54
CA VAL B 69 -8.31 26.42 8.40
C VAL B 69 -9.12 27.10 7.30
N SER B 70 -9.07 26.56 6.08
CA SER B 70 -9.77 27.19 4.97
C SER B 70 -11.29 27.14 5.11
N ASP B 71 -11.79 26.26 5.97
CA ASP B 71 -13.22 26.19 6.15
C ASP B 71 -13.61 27.27 7.14
N THR B 72 -12.85 27.33 8.23
CA THR B 72 -13.09 28.35 9.24
C THR B 72 -12.94 29.69 8.55
N LYS B 73 -12.06 29.75 7.57
CA LYS B 73 -11.83 30.99 6.82
C LYS B 73 -13.06 31.29 6.00
N LYS B 74 -13.53 30.32 5.23
CA LYS B 74 -14.71 30.54 4.41
C LYS B 74 -15.86 30.90 5.33
N ALA B 75 -15.85 30.36 6.54
CA ALA B 75 -16.91 30.69 7.48
C ALA B 75 -16.86 32.20 7.70
N VAL B 76 -15.74 32.67 8.23
CA VAL B 76 -15.55 34.10 8.48
C VAL B 76 -15.93 34.96 7.27
N LYS B 77 -15.58 34.50 6.08
CA LYS B 77 -15.91 35.25 4.88
C LYS B 77 -17.42 35.25 4.62
N TYR B 78 -18.07 34.13 4.91
CA TYR B 78 -19.51 34.04 4.69
C TYR B 78 -20.28 34.88 5.70
N GLN B 79 -19.56 35.61 6.54
CA GLN B 79 -20.16 36.50 7.51
C GLN B 79 -20.08 37.93 6.96
N SER B 80 -21.21 38.37 6.41
CA SER B 80 -21.35 39.69 5.82
C SER B 80 -22.80 39.83 5.35
N MET C 7 55.16 -46.97 21.26
CA MET C 7 55.15 -45.50 21.54
C MET C 7 54.99 -44.74 20.24
N ARG C 8 55.63 -45.25 19.18
CA ARG C 8 55.52 -44.64 17.86
C ARG C 8 54.03 -44.51 17.55
N ASN C 9 53.26 -45.47 18.06
CA ASN C 9 51.81 -45.50 17.86
C ASN C 9 51.10 -44.40 18.65
N GLU C 10 51.87 -43.59 19.38
CA GLU C 10 51.30 -42.50 20.16
C GLU C 10 51.65 -41.21 19.43
N LEU C 11 52.91 -41.11 19.01
CA LEU C 11 53.39 -39.97 18.26
C LEU C 11 52.60 -39.96 16.95
N GLU C 12 52.02 -41.10 16.64
CA GLU C 12 51.24 -41.28 15.43
C GLU C 12 49.84 -40.74 15.61
N GLU C 13 49.34 -40.82 16.84
CA GLU C 13 48.00 -40.34 17.14
C GLU C 13 48.09 -38.82 17.27
N MET C 14 49.22 -38.34 17.81
CA MET C 14 49.43 -36.92 17.97
C MET C 14 49.50 -36.21 16.62
N GLN C 15 49.95 -36.93 15.59
CA GLN C 15 50.03 -36.33 14.26
C GLN C 15 48.62 -36.16 13.74
N ARG C 16 47.83 -37.23 13.79
CA ARG C 16 46.47 -37.20 13.32
C ARG C 16 45.63 -36.23 14.11
N ARG C 17 45.77 -36.29 15.44
CA ARG C 17 45.03 -35.40 16.34
C ARG C 17 45.29 -33.93 16.06
N ALA C 18 46.55 -33.59 15.83
CA ALA C 18 46.96 -32.22 15.53
C ALA C 18 46.46 -31.82 14.15
N ASP C 19 46.46 -32.77 13.23
CA ASP C 19 46.01 -32.53 11.87
C ASP C 19 44.50 -32.27 11.89
N GLN C 20 43.79 -33.05 12.70
CA GLN C 20 42.34 -32.92 12.83
C GLN C 20 41.96 -31.59 13.44
N LEU C 21 42.69 -31.16 14.46
CA LEU C 21 42.42 -29.89 15.11
C LEU C 21 42.60 -28.76 14.10
N ALA C 22 43.67 -28.83 13.31
CA ALA C 22 43.88 -27.79 12.32
C ALA C 22 42.67 -27.71 11.39
N ASP C 23 42.27 -28.84 10.81
CA ASP C 23 41.12 -28.88 9.93
C ASP C 23 39.94 -28.15 10.58
N GLU C 24 39.64 -28.48 11.83
CA GLU C 24 38.55 -27.84 12.55
C GLU C 24 38.79 -26.34 12.67
N SER C 25 40.00 -25.96 13.06
CA SER C 25 40.35 -24.54 13.19
C SER C 25 40.13 -23.83 11.85
N LEU C 26 40.58 -24.46 10.78
CA LEU C 26 40.43 -23.88 9.45
C LEU C 26 38.94 -23.65 9.23
N GLU C 27 38.14 -24.69 9.47
CA GLU C 27 36.71 -24.62 9.31
C GLU C 27 36.12 -23.48 10.12
N SER C 28 36.58 -23.35 11.36
CA SER C 28 36.08 -22.30 12.23
C SER C 28 36.29 -20.93 11.63
N THR C 29 37.46 -20.70 11.05
CA THR C 29 37.73 -19.40 10.44
C THR C 29 36.88 -19.21 9.19
N ARG C 30 36.65 -20.30 8.45
CA ARG C 30 35.85 -20.20 7.25
C ARG C 30 34.43 -19.79 7.62
N ARG C 31 33.95 -20.23 8.78
CA ARG C 31 32.60 -19.89 9.21
C ARG C 31 32.55 -18.46 9.74
N MET C 32 33.61 -18.02 10.40
CA MET C 32 33.66 -16.66 10.91
C MET C 32 33.51 -15.68 9.76
N LEU C 33 34.14 -16.02 8.65
CA LEU C 33 34.10 -15.18 7.47
C LEU C 33 32.68 -14.83 7.02
N GLN C 34 31.84 -15.82 6.78
CA GLN C 34 30.46 -15.53 6.34
C GLN C 34 29.65 -14.93 7.48
N LEU C 35 29.87 -15.45 8.68
CA LEU C 35 29.19 -14.98 9.88
C LEU C 35 29.38 -13.48 10.02
N VAL C 36 30.62 -13.02 9.85
CA VAL C 36 30.95 -11.61 9.97
C VAL C 36 30.53 -10.85 8.72
N GLU C 37 30.39 -11.56 7.60
CA GLU C 37 29.97 -10.94 6.35
C GLU C 37 28.47 -10.68 6.46
N GLU C 38 27.74 -11.65 7.01
CA GLU C 38 26.30 -11.50 7.19
C GLU C 38 26.01 -10.31 8.07
N SER C 39 26.78 -10.19 9.14
CA SER C 39 26.62 -9.12 10.11
C SER C 39 26.85 -7.76 9.47
N LYS C 40 27.85 -7.68 8.61
CA LYS C 40 28.12 -6.43 7.93
C LYS C 40 26.91 -6.05 7.05
N ASP C 41 26.28 -7.04 6.43
CA ASP C 41 25.13 -6.75 5.59
C ASP C 41 23.95 -6.30 6.43
N ALA C 42 23.74 -6.96 7.57
CA ALA C 42 22.65 -6.60 8.46
C ALA C 42 22.90 -5.20 9.00
N GLY C 43 24.16 -4.88 9.24
CA GLY C 43 24.50 -3.57 9.77
C GLY C 43 24.22 -2.47 8.77
N ILE C 44 24.71 -2.62 7.54
CA ILE C 44 24.47 -1.61 6.52
C ILE C 44 22.97 -1.40 6.43
N ARG C 45 22.27 -2.49 6.16
CA ARG C 45 20.82 -2.49 6.03
C ARG C 45 20.19 -1.72 7.17
N THR C 46 20.73 -1.88 8.37
CA THR C 46 20.21 -1.18 9.54
C THR C 46 20.47 0.31 9.43
N LEU C 47 21.72 0.69 9.21
CA LEU C 47 22.05 2.11 9.07
C LEU C 47 21.11 2.66 8.00
N VAL C 48 21.12 2.03 6.82
CA VAL C 48 20.23 2.45 5.73
C VAL C 48 18.80 2.62 6.24
N MET C 49 18.22 1.57 6.82
CA MET C 49 16.86 1.69 7.36
C MET C 49 16.77 2.82 8.37
N LEU C 50 17.76 2.94 9.23
CA LEU C 50 17.74 3.97 10.26
C LEU C 50 17.78 5.36 9.59
N ASP C 51 18.44 5.46 8.44
CA ASP C 51 18.54 6.73 7.73
C ASP C 51 17.20 7.19 7.18
N GLU C 52 16.57 6.35 6.38
CA GLU C 52 15.28 6.70 5.79
C GLU C 52 14.23 6.89 6.85
N GLN C 53 14.28 6.06 7.89
CA GLN C 53 13.31 6.23 8.96
C GLN C 53 13.56 7.58 9.59
N GLY C 54 14.82 7.96 9.70
CA GLY C 54 15.14 9.26 10.26
C GLY C 54 14.50 10.36 9.43
N GLU C 55 14.54 10.19 8.11
CA GLU C 55 13.93 11.16 7.22
C GLU C 55 12.42 11.20 7.41
N GLN C 56 11.80 10.05 7.62
CA GLN C 56 10.36 10.01 7.86
C GLN C 56 10.08 10.86 9.09
N LEU C 57 10.88 10.70 10.14
CA LEU C 57 10.68 11.47 11.34
C LEU C 57 10.79 12.96 11.03
N ASP C 58 11.75 13.33 10.19
CA ASP C 58 11.88 14.74 9.83
C ASP C 58 10.57 15.23 9.22
N ARG C 59 10.02 14.47 8.29
CA ARG C 59 8.75 14.86 7.67
C ARG C 59 7.68 14.92 8.75
N VAL C 60 7.79 14.05 9.74
CA VAL C 60 6.82 14.05 10.82
C VAL C 60 6.94 15.33 11.58
N GLU C 61 8.17 15.67 11.97
CA GLU C 61 8.38 16.90 12.74
C GLU C 61 7.92 18.10 11.96
N GLU C 62 8.28 18.17 10.69
CA GLU C 62 7.88 19.30 9.88
C GLU C 62 6.37 19.41 9.83
N GLY C 63 5.70 18.29 9.66
CA GLY C 63 4.25 18.33 9.62
C GLY C 63 3.74 18.79 10.96
N MET C 64 4.53 18.60 12.00
CA MET C 64 4.12 19.01 13.33
C MET C 64 4.27 20.54 13.38
N ASN C 65 5.28 21.07 12.72
CA ASN C 65 5.48 22.52 12.68
C ASN C 65 4.41 23.15 11.78
N HIS C 66 4.01 22.43 10.74
CA HIS C 66 2.97 22.94 9.85
C HIS C 66 1.70 23.15 10.68
N ILE C 67 1.28 22.11 11.39
CA ILE C 67 0.08 22.16 12.22
C ILE C 67 0.10 23.31 13.21
N ASN C 68 1.24 23.48 13.87
CA ASN C 68 1.43 24.52 14.86
C ASN C 68 1.28 25.90 14.28
N GLN C 69 1.69 26.07 13.03
CA GLN C 69 1.57 27.37 12.37
C GLN C 69 0.13 27.54 11.88
N ASP C 70 -0.30 26.59 11.06
CA ASP C 70 -1.65 26.62 10.53
C ASP C 70 -2.69 26.82 11.60
N MET C 71 -2.52 26.14 12.75
CA MET C 71 -3.51 26.30 13.81
C MET C 71 -3.63 27.74 14.25
N LYS C 72 -2.69 28.57 13.83
CA LYS C 72 -2.74 29.99 14.17
C LYS C 72 -3.83 30.73 13.40
N GLU C 73 -4.01 30.36 12.14
CA GLU C 73 -5.06 30.99 11.32
C GLU C 73 -6.38 30.42 11.79
N ALA C 74 -6.37 29.14 12.14
CA ALA C 74 -7.59 28.48 12.59
C ALA C 74 -8.06 29.17 13.87
N GLU C 75 -7.14 29.39 14.79
CA GLU C 75 -7.49 30.05 16.04
C GLU C 75 -7.96 31.47 15.72
N LYS C 76 -7.32 32.12 14.75
CA LYS C 76 -7.73 33.47 14.40
C LYS C 76 -9.11 33.44 13.76
N ASN C 77 -9.27 32.64 12.71
CA ASN C 77 -10.55 32.55 12.04
C ASN C 77 -11.66 32.29 13.03
N LEU C 78 -11.48 31.28 13.89
CA LEU C 78 -12.50 31.01 14.90
C LEU C 78 -12.83 32.33 15.57
N LYS C 79 -11.86 32.93 16.24
CA LYS C 79 -12.06 34.20 16.93
C LYS C 79 -12.82 35.22 16.11
N ASP C 80 -12.45 35.41 14.85
CA ASP C 80 -13.16 36.38 14.00
C ASP C 80 -14.62 36.00 13.77
N LEU C 81 -15.00 34.78 14.13
CA LEU C 81 -16.38 34.32 13.95
C LEU C 81 -17.29 34.75 15.08
N GLY C 82 -16.76 34.79 16.30
CA GLY C 82 -17.54 35.23 17.45
C GLY C 82 -17.52 36.74 17.42
N LYS C 83 -17.28 37.27 16.22
CA LYS C 83 -17.19 38.70 15.96
C LYS C 83 -15.94 39.29 16.60
N GLY D 12 51.05 -10.45 8.12
CA GLY D 12 50.46 -10.01 9.46
C GLY D 12 50.61 -11.02 10.61
N GLY D 13 50.11 -12.23 10.42
CA GLY D 13 50.21 -13.26 11.45
C GLY D 13 49.24 -13.02 12.58
N PHE D 14 48.12 -13.74 12.54
CA PHE D 14 47.10 -13.65 13.57
C PHE D 14 47.23 -14.84 14.50
N ILE D 15 47.88 -15.91 14.03
CA ILE D 15 48.02 -17.15 14.82
C ILE D 15 49.42 -17.68 15.07
N ARG D 16 49.51 -18.64 15.99
CA ARG D 16 50.75 -19.29 16.29
C ARG D 16 50.90 -20.30 15.17
N ARG D 17 52.00 -20.19 14.46
CA ARG D 17 52.26 -21.10 13.35
C ARG D 17 53.07 -22.32 13.79
N VAL D 18 52.58 -23.51 13.44
CA VAL D 18 53.22 -24.78 13.79
C VAL D 18 53.69 -25.44 12.50
N THR D 19 52.76 -26.08 11.81
CA THR D 19 53.06 -26.69 10.52
C THR D 19 52.82 -25.52 9.60
N ASN D 20 53.88 -24.85 9.16
CA ASN D 20 53.68 -23.68 8.31
C ASN D 20 52.96 -23.98 7.00
N ASP D 21 52.21 -25.07 6.96
CA ASP D 21 51.48 -25.48 5.77
C ASP D 21 50.41 -24.48 5.36
N ALA D 22 50.06 -24.51 4.08
CA ALA D 22 49.07 -23.62 3.51
C ALA D 22 47.70 -23.72 4.19
N ARG D 23 47.45 -24.84 4.86
CA ARG D 23 46.18 -25.02 5.54
C ARG D 23 46.08 -24.00 6.66
N GLU D 24 47.20 -23.70 7.31
CA GLU D 24 47.18 -22.71 8.39
C GLU D 24 47.51 -21.35 7.80
N ASN D 25 47.86 -21.34 6.51
CA ASN D 25 48.15 -20.09 5.84
C ASN D 25 46.80 -19.46 5.49
N GLU D 26 45.79 -20.32 5.34
CA GLU D 26 44.43 -19.88 5.02
C GLU D 26 43.75 -19.34 6.27
N MET D 27 44.13 -19.85 7.44
CA MET D 27 43.57 -19.38 8.70
C MET D 27 43.85 -17.90 8.84
N ASP D 28 45.12 -17.52 8.60
CA ASP D 28 45.53 -16.13 8.70
C ASP D 28 44.79 -15.25 7.69
N GLU D 29 44.76 -15.69 6.44
CA GLU D 29 44.07 -14.94 5.39
C GLU D 29 42.67 -14.66 5.91
N ASN D 30 41.99 -15.71 6.34
CA ASN D 30 40.64 -15.62 6.89
C ASN D 30 40.52 -14.63 8.05
N LEU D 31 41.46 -14.73 9.00
CA LEU D 31 41.45 -13.86 10.16
C LEU D 31 41.81 -12.43 9.78
N GLU D 32 42.53 -12.29 8.66
CA GLU D 32 42.91 -10.95 8.16
C GLU D 32 41.58 -10.24 7.90
N GLN D 33 40.75 -10.88 7.07
CA GLN D 33 39.46 -10.35 6.68
C GLN D 33 38.49 -10.16 7.82
N VAL D 34 38.39 -11.14 8.69
CA VAL D 34 37.49 -11.03 9.81
C VAL D 34 37.85 -9.81 10.64
N SER D 35 39.14 -9.65 10.93
CA SER D 35 39.62 -8.51 11.71
C SER D 35 39.19 -7.19 11.11
N GLY D 36 39.37 -7.07 9.81
CA GLY D 36 39.00 -5.84 9.13
C GLY D 36 37.51 -5.63 9.22
N ILE D 37 36.74 -6.65 8.85
CA ILE D 37 35.30 -6.54 8.90
C ILE D 37 34.80 -6.24 10.31
N ILE D 38 35.58 -6.56 11.33
CA ILE D 38 35.13 -6.28 12.69
C ILE D 38 35.26 -4.78 12.88
N GLY D 39 36.31 -4.22 12.28
CA GLY D 39 36.56 -2.78 12.38
C GLY D 39 35.32 -2.07 11.88
N ASN D 40 34.94 -2.43 10.66
CA ASN D 40 33.74 -1.89 10.05
C ASN D 40 32.59 -2.01 11.06
N LEU D 41 32.33 -3.25 11.48
CA LEU D 41 31.28 -3.54 12.45
C LEU D 41 31.30 -2.62 13.67
N ARG D 42 32.49 -2.21 14.08
CA ARG D 42 32.60 -1.34 15.25
C ARG D 42 32.03 0.05 14.95
N HIS D 43 32.42 0.59 13.81
CA HIS D 43 31.98 1.90 13.37
C HIS D 43 30.49 1.86 13.04
N MET D 44 30.07 0.82 12.35
CA MET D 44 28.67 0.70 12.04
C MET D 44 27.92 0.76 13.36
N ALA D 45 28.36 -0.02 14.34
CA ALA D 45 27.71 -0.02 15.67
C ALA D 45 27.71 1.34 16.30
N LEU D 46 28.84 2.03 16.22
CA LEU D 46 28.94 3.36 16.80
C LEU D 46 27.97 4.31 16.12
N ASP D 47 27.97 4.35 14.80
CA ASP D 47 27.06 5.25 14.07
C ASP D 47 25.62 4.90 14.39
N MET D 48 25.35 3.60 14.38
CA MET D 48 24.04 3.06 14.67
C MET D 48 23.57 3.65 16.00
N GLY D 49 24.44 3.56 17.00
CA GLY D 49 24.11 4.08 18.31
C GLY D 49 23.80 5.56 18.36
N ASN D 50 24.60 6.36 17.67
CA ASN D 50 24.38 7.80 17.69
C ASN D 50 23.10 8.21 16.95
N GLU D 51 22.84 7.57 15.80
CA GLU D 51 21.60 7.86 15.07
C GLU D 51 20.45 7.53 16.00
N ILE D 52 20.56 6.43 16.72
CA ILE D 52 19.48 6.05 17.64
C ILE D 52 19.28 7.16 18.65
N ASP D 53 20.36 7.62 19.27
CA ASP D 53 20.26 8.67 20.28
C ASP D 53 19.63 9.92 19.71
N THR D 54 20.28 10.50 18.72
CA THR D 54 19.79 11.72 18.10
C THR D 54 18.30 11.58 17.80
N GLN D 55 17.93 10.50 17.12
CA GLN D 55 16.53 10.29 16.78
C GLN D 55 15.68 10.17 18.03
N ASN D 56 16.14 9.41 19.02
CA ASN D 56 15.37 9.29 20.25
C ASN D 56 15.04 10.66 20.83
N ARG D 57 15.99 11.57 20.80
CA ARG D 57 15.75 12.92 21.32
C ARG D 57 14.74 13.66 20.44
N GLN D 58 14.98 13.64 19.13
CA GLN D 58 14.08 14.28 18.19
C GLN D 58 12.69 13.76 18.48
N ILE D 59 12.57 12.44 18.49
CA ILE D 59 11.29 11.83 18.76
C ILE D 59 10.67 12.51 19.97
N ASP D 60 11.44 12.67 21.03
CA ASP D 60 10.91 13.34 22.22
C ASP D 60 10.43 14.72 21.83
N ARG D 61 11.27 15.50 21.16
CA ARG D 61 10.88 16.84 20.72
C ARG D 61 9.60 16.72 19.91
N ILE D 62 9.67 15.95 18.83
CA ILE D 62 8.52 15.72 17.97
C ILE D 62 7.29 15.50 18.84
N MET D 63 7.45 14.69 19.88
CA MET D 63 6.36 14.39 20.79
C MET D 63 5.84 15.61 21.55
N GLU D 64 6.73 16.51 21.96
CA GLU D 64 6.29 17.70 22.68
C GLU D 64 5.39 18.53 21.78
N LYS D 65 5.83 18.71 20.54
CA LYS D 65 5.07 19.50 19.59
C LYS D 65 3.72 18.83 19.37
N ALA D 66 3.72 17.50 19.39
CA ALA D 66 2.50 16.74 19.18
C ALA D 66 1.43 17.10 20.20
N ASP D 67 1.85 17.34 21.43
CA ASP D 67 0.90 17.71 22.48
C ASP D 67 0.41 19.12 22.21
N SER D 68 1.31 20.09 22.25
CA SER D 68 0.95 21.47 21.99
C SER D 68 -0.12 21.50 20.91
N ASN D 69 0.15 20.79 19.82
CA ASN D 69 -0.78 20.75 18.72
C ASN D 69 -2.11 20.12 19.07
N LYS D 70 -2.09 18.92 19.65
CA LYS D 70 -3.37 18.29 19.98
C LYS D 70 -4.15 19.15 20.96
N THR D 71 -3.47 19.71 21.96
CA THR D 71 -4.13 20.57 22.93
C THR D 71 -4.84 21.70 22.18
N ARG D 72 -4.06 22.49 21.46
CA ARG D 72 -4.62 23.61 20.70
C ARG D 72 -5.74 23.14 19.79
N ILE D 73 -5.56 21.98 19.18
CA ILE D 73 -6.56 21.43 18.29
C ILE D 73 -7.84 21.19 19.09
N ASP D 74 -7.75 20.37 20.13
CA ASP D 74 -8.93 20.09 20.94
C ASP D 74 -9.60 21.35 21.44
N GLU D 75 -8.80 22.32 21.87
CA GLU D 75 -9.38 23.57 22.36
C GLU D 75 -10.09 24.29 21.23
N ALA D 76 -9.43 24.41 20.09
CA ALA D 76 -10.04 25.08 18.94
C ALA D 76 -11.31 24.31 18.61
N ASN D 77 -11.26 23.01 18.86
CA ASN D 77 -12.39 22.13 18.60
C ASN D 77 -13.54 22.56 19.49
N GLN D 78 -13.27 22.68 20.79
CA GLN D 78 -14.28 23.09 21.75
C GLN D 78 -14.98 24.33 21.24
N ARG D 79 -14.23 25.40 20.99
CA ARG D 79 -14.82 26.64 20.48
C ARG D 79 -15.74 26.27 19.35
N ALA D 80 -15.12 25.91 18.23
CA ALA D 80 -15.82 25.52 17.01
C ALA D 80 -17.10 24.75 17.30
N THR D 81 -17.07 23.87 18.28
CA THR D 81 -18.24 23.08 18.62
C THR D 81 -19.34 23.92 19.28
N LYS D 82 -18.98 24.84 20.17
CA LYS D 82 -19.97 25.68 20.80
C LYS D 82 -20.63 26.58 19.77
N MET D 83 -19.82 27.18 18.91
CA MET D 83 -20.34 28.06 17.88
C MET D 83 -21.30 27.35 16.93
N LEU D 84 -21.46 26.04 17.11
CA LEU D 84 -22.33 25.25 16.27
C LEU D 84 -23.72 25.05 16.83
N GLY D 85 -23.83 24.95 18.16
CA GLY D 85 -25.12 24.76 18.79
C GLY D 85 -25.49 25.85 19.78
N SER E 28 8.57 -61.67 -9.88
CA SER E 28 9.78 -61.11 -10.57
C SER E 28 10.11 -59.66 -10.14
N ASN E 29 11.33 -59.23 -10.45
CA ASN E 29 11.80 -57.89 -10.10
C ASN E 29 11.34 -56.83 -11.11
N ARG E 30 10.25 -57.11 -11.79
CA ARG E 30 9.69 -56.18 -12.78
C ARG E 30 9.16 -54.92 -12.10
N ARG E 31 8.02 -55.07 -11.44
CA ARG E 31 7.36 -53.96 -10.74
C ARG E 31 8.26 -53.17 -9.80
N LEU E 32 9.52 -53.56 -9.72
CA LEU E 32 10.49 -52.86 -8.88
C LEU E 32 11.23 -51.95 -9.84
N GLN E 33 11.81 -52.56 -10.87
CA GLN E 33 12.58 -51.83 -11.87
C GLN E 33 11.78 -50.67 -12.43
N GLN E 34 10.46 -50.84 -12.54
CA GLN E 34 9.62 -49.78 -13.07
C GLN E 34 9.37 -48.68 -12.04
N THR E 35 9.26 -49.09 -10.76
CA THR E 35 9.05 -48.10 -9.71
C THR E 35 10.34 -47.28 -9.63
N GLN E 36 11.45 -47.92 -9.96
CA GLN E 36 12.74 -47.26 -10.00
C GLN E 36 12.62 -46.17 -11.04
N ALA E 37 12.27 -46.59 -12.24
CA ALA E 37 12.08 -45.70 -13.37
C ALA E 37 11.24 -44.49 -12.98
N GLN E 38 10.01 -44.74 -12.54
CA GLN E 38 9.12 -43.65 -12.17
C GLN E 38 9.74 -42.70 -11.16
N VAL E 39 10.51 -43.24 -10.23
CA VAL E 39 11.20 -42.41 -9.23
C VAL E 39 12.18 -41.53 -10.00
N ASP E 40 12.90 -42.14 -10.93
CA ASP E 40 13.86 -41.41 -11.74
C ASP E 40 13.20 -40.22 -12.43
N GLU E 41 11.98 -40.41 -12.92
CA GLU E 41 11.27 -39.33 -13.59
C GLU E 41 11.00 -38.18 -12.63
N VAL E 42 10.48 -38.51 -11.45
CA VAL E 42 10.19 -37.46 -10.49
C VAL E 42 11.50 -36.73 -10.19
N VAL E 43 12.61 -37.48 -10.23
CA VAL E 43 13.92 -36.87 -9.96
C VAL E 43 14.25 -35.85 -11.05
N ASP E 44 13.92 -36.16 -12.31
CA ASP E 44 14.18 -35.25 -13.41
C ASP E 44 13.29 -34.00 -13.27
N ILE E 45 12.02 -34.24 -12.96
CA ILE E 45 11.05 -33.15 -12.77
C ILE E 45 11.49 -32.23 -11.65
N MET E 46 11.89 -32.81 -10.53
CA MET E 46 12.34 -32.02 -9.40
C MET E 46 13.63 -31.27 -9.70
N ARG E 47 14.62 -31.98 -10.24
CA ARG E 47 15.91 -31.38 -10.60
C ARG E 47 15.63 -30.07 -11.33
N VAL E 48 14.74 -30.14 -12.31
CA VAL E 48 14.35 -28.98 -13.10
C VAL E 48 13.63 -27.96 -12.24
N ASN E 49 12.70 -28.44 -11.43
CA ASN E 49 11.96 -27.52 -10.56
C ASN E 49 12.96 -26.74 -9.72
N VAL E 50 13.92 -27.45 -9.14
CA VAL E 50 14.94 -26.82 -8.31
C VAL E 50 15.59 -25.70 -9.09
N ASP E 51 15.68 -25.90 -10.40
CA ASP E 51 16.25 -24.93 -11.31
C ASP E 51 15.37 -23.70 -11.25
N LYS E 52 14.13 -23.90 -11.69
CA LYS E 52 13.13 -22.83 -11.72
C LYS E 52 13.04 -22.06 -10.41
N VAL E 53 13.19 -22.75 -9.29
CA VAL E 53 13.10 -22.08 -8.00
C VAL E 53 14.24 -21.10 -7.85
N LEU E 54 15.44 -21.54 -8.21
CA LEU E 54 16.62 -20.69 -8.12
C LEU E 54 16.43 -19.52 -9.06
N GLU E 55 15.66 -19.74 -10.11
CA GLU E 55 15.40 -18.67 -11.06
C GLU E 55 14.47 -17.69 -10.34
N ARG E 56 13.43 -18.23 -9.68
CA ARG E 56 12.48 -17.39 -8.97
C ARG E 56 13.22 -16.64 -7.87
N ASP E 57 14.28 -17.26 -7.35
CA ASP E 57 15.07 -16.64 -6.30
C ASP E 57 15.72 -15.38 -6.85
N GLN E 58 16.29 -15.47 -8.04
CA GLN E 58 16.92 -14.32 -8.67
C GLN E 58 15.90 -13.20 -8.86
N LYS E 59 14.87 -13.52 -9.64
CA LYS E 59 13.82 -12.58 -9.95
C LYS E 59 13.22 -11.94 -8.71
N LEU E 60 12.97 -12.75 -7.68
CA LEU E 60 12.41 -12.18 -6.47
C LEU E 60 13.37 -11.15 -5.88
N SER E 61 14.66 -11.44 -5.94
CA SER E 61 15.63 -10.52 -5.40
C SER E 61 15.69 -9.28 -6.29
N GLU E 62 15.49 -9.47 -7.59
CA GLU E 62 15.50 -8.35 -8.54
C GLU E 62 14.27 -7.48 -8.25
N LEU E 63 13.19 -8.13 -7.85
CA LEU E 63 11.96 -7.42 -7.55
C LEU E 63 12.02 -6.78 -6.18
N ASP E 64 12.65 -7.46 -5.23
CA ASP E 64 12.75 -6.93 -3.88
C ASP E 64 13.45 -5.59 -3.91
N ASP E 65 14.35 -5.42 -4.86
CA ASP E 65 15.10 -4.17 -4.98
C ASP E 65 14.23 -3.11 -5.66
N ARG E 66 13.61 -3.49 -6.77
CA ARG E 66 12.75 -2.54 -7.48
C ARG E 66 11.62 -2.10 -6.58
N ALA E 67 11.04 -3.06 -5.86
CA ALA E 67 9.94 -2.74 -4.96
C ALA E 67 10.39 -1.72 -3.92
N ASP E 68 11.60 -1.86 -3.38
CA ASP E 68 12.08 -0.92 -2.38
C ASP E 68 12.32 0.43 -3.06
N ALA E 69 12.85 0.41 -4.27
CA ALA E 69 13.10 1.66 -4.99
C ALA E 69 11.79 2.35 -5.35
N LEU E 70 10.78 1.55 -5.67
CA LEU E 70 9.45 2.06 -6.02
C LEU E 70 8.83 2.77 -4.85
N GLN E 71 8.88 2.13 -3.69
CA GLN E 71 8.33 2.73 -2.47
C GLN E 71 9.13 3.99 -2.12
N ALA E 72 10.42 3.98 -2.39
CA ALA E 72 11.25 5.14 -2.10
C ALA E 72 10.83 6.28 -3.03
N GLY E 73 10.70 5.96 -4.32
CA GLY E 73 10.32 6.96 -5.29
C GLY E 73 8.90 7.45 -5.06
N ALA E 74 8.02 6.53 -4.69
CA ALA E 74 6.64 6.92 -4.46
C ALA E 74 6.60 7.88 -3.28
N SER E 75 7.33 7.56 -2.22
CA SER E 75 7.33 8.41 -1.04
C SER E 75 7.80 9.82 -1.33
N GLN E 76 8.80 9.94 -2.18
CA GLN E 76 9.30 11.27 -2.52
C GLN E 76 8.29 11.99 -3.39
N PHE E 77 7.52 11.24 -4.16
CA PHE E 77 6.52 11.91 -4.98
C PHE E 77 5.44 12.44 -4.03
N GLU E 78 5.05 11.61 -3.07
CA GLU E 78 4.05 11.98 -2.09
C GLU E 78 4.48 13.30 -1.46
N THR E 79 5.71 13.35 -0.98
CA THR E 79 6.23 14.56 -0.35
C THR E 79 6.11 15.81 -1.22
N SER E 80 6.39 15.67 -2.51
CA SER E 80 6.30 16.83 -3.39
C SER E 80 4.83 17.18 -3.58
N ALA E 81 4.00 16.16 -3.76
CA ALA E 81 2.57 16.41 -3.92
C ALA E 81 2.03 17.21 -2.73
N ALA E 82 2.33 16.74 -1.52
CA ALA E 82 1.88 17.44 -0.31
C ALA E 82 2.35 18.88 -0.30
N LYS E 83 3.59 19.12 -0.71
CA LYS E 83 4.11 20.50 -0.74
C LYS E 83 3.24 21.32 -1.71
N LEU E 84 2.90 20.73 -2.85
CA LEU E 84 2.07 21.40 -3.84
C LEU E 84 0.70 21.67 -3.22
N LYS E 85 0.08 20.63 -2.67
CA LYS E 85 -1.24 20.81 -2.05
C LYS E 85 -1.12 21.97 -1.06
N ARG E 86 -0.09 21.93 -0.22
CA ARG E 86 0.11 23.00 0.75
C ARG E 86 0.25 24.36 0.10
N LYS E 87 0.98 24.43 -1.01
CA LYS E 87 1.22 25.69 -1.71
C LYS E 87 -0.05 26.34 -2.22
N TYR E 88 -0.86 25.59 -2.96
CA TYR E 88 -2.09 26.16 -3.48
C TYR E 88 -3.13 26.34 -2.39
N TRP E 89 -3.01 25.55 -1.33
CA TRP E 89 -3.93 25.67 -0.22
C TRP E 89 -3.69 27.04 0.39
N TRP E 90 -2.43 27.42 0.47
CA TRP E 90 -2.06 28.70 1.06
C TRP E 90 -2.39 29.86 0.17
N LYS E 91 -2.15 29.72 -1.14
CA LYS E 91 -2.49 30.81 -2.05
C LYS E 91 -4.00 30.99 -1.95
N ASN E 92 -4.74 29.90 -2.09
CA ASN E 92 -6.19 29.94 -1.99
C ASN E 92 -6.57 30.70 -0.75
N LEU E 93 -5.98 30.31 0.38
CA LEU E 93 -6.27 30.93 1.66
C LEU E 93 -6.01 32.44 1.68
N LYS E 94 -4.92 32.88 1.05
CA LYS E 94 -4.60 34.29 1.02
C LYS E 94 -5.53 35.06 0.11
N MET E 95 -6.20 34.36 -0.82
CA MET E 95 -7.11 35.00 -1.76
C MET E 95 -8.57 35.01 -1.32
N MET E 96 -8.84 34.68 -0.06
CA MET E 96 -10.21 34.67 0.45
C MET E 96 -10.60 35.99 1.11
N LYS F 10 21.54 -72.60 -2.15
CA LYS F 10 22.65 -72.78 -3.16
C LYS F 10 23.10 -71.46 -3.76
N GLN F 11 22.65 -71.35 -5.01
CA GLN F 11 22.89 -70.25 -5.93
C GLN F 11 21.98 -69.06 -5.64
N ALA F 12 20.83 -69.35 -5.02
CA ALA F 12 19.84 -68.34 -4.65
C ALA F 12 20.54 -67.00 -4.45
N LEU F 13 21.63 -67.05 -3.68
CA LEU F 13 22.45 -65.88 -3.38
C LEU F 13 22.46 -64.86 -4.53
N SER F 14 22.40 -65.35 -5.77
CA SER F 14 22.40 -64.46 -6.93
C SER F 14 21.11 -63.64 -6.95
N GLU F 15 19.98 -64.34 -6.97
CA GLU F 15 18.68 -63.67 -6.98
C GLU F 15 18.52 -62.77 -5.75
N ILE F 16 19.23 -63.10 -4.68
CA ILE F 16 19.16 -62.29 -3.46
C ILE F 16 20.22 -61.19 -3.47
N GLU F 17 21.25 -61.34 -4.28
CA GLU F 17 22.30 -60.33 -4.39
C GLU F 17 21.86 -59.34 -5.47
N THR F 18 21.01 -59.84 -6.36
CA THR F 18 20.46 -59.04 -7.45
C THR F 18 19.31 -58.22 -6.85
N ARG F 19 18.28 -58.93 -6.39
CA ARG F 19 17.14 -58.28 -5.78
C ARG F 19 17.58 -57.18 -4.82
N HIS F 20 18.58 -57.48 -4.00
CA HIS F 20 19.10 -56.51 -3.04
C HIS F 20 19.70 -55.28 -3.72
N SER F 21 20.52 -55.53 -4.73
CA SER F 21 21.16 -54.44 -5.46
C SER F 21 20.14 -53.52 -6.11
N GLU F 22 19.14 -54.10 -6.75
CA GLU F 22 18.10 -53.30 -7.39
C GLU F 22 17.38 -52.47 -6.33
N ILE F 23 17.31 -53.00 -5.11
CA ILE F 23 16.63 -52.29 -4.02
C ILE F 23 17.47 -51.16 -3.45
N ILE F 24 18.77 -51.38 -3.28
CA ILE F 24 19.60 -50.30 -2.77
C ILE F 24 19.74 -49.30 -3.92
N LYS F 25 19.45 -49.78 -5.13
CA LYS F 25 19.53 -48.95 -6.34
C LYS F 25 18.40 -47.94 -6.31
N LEU F 26 17.23 -48.40 -5.88
CA LEU F 26 16.02 -47.56 -5.78
C LEU F 26 16.04 -46.69 -4.54
N GLU F 27 16.76 -47.11 -3.51
CA GLU F 27 16.81 -46.32 -2.29
C GLU F 27 17.62 -45.06 -2.53
N ASN F 28 18.72 -45.20 -3.26
CA ASN F 28 19.56 -44.05 -3.54
C ASN F 28 18.81 -42.99 -4.34
N SER F 29 17.97 -43.45 -5.27
CA SER F 29 17.19 -42.53 -6.08
C SER F 29 16.21 -41.78 -5.18
N ILE F 30 15.54 -42.53 -4.31
CA ILE F 30 14.58 -41.95 -3.38
C ILE F 30 15.29 -41.06 -2.38
N ARG F 31 16.58 -41.33 -2.13
CA ARG F 31 17.33 -40.52 -1.19
C ARG F 31 17.43 -39.09 -1.73
N GLU F 32 17.94 -38.95 -2.95
CA GLU F 32 18.10 -37.62 -3.51
C GLU F 32 16.73 -37.02 -3.82
N LEU F 33 15.78 -37.85 -4.25
CA LEU F 33 14.44 -37.33 -4.53
C LEU F 33 13.98 -36.64 -3.25
N HIS F 34 13.97 -37.41 -2.17
CA HIS F 34 13.60 -36.89 -0.87
C HIS F 34 14.40 -35.62 -0.60
N ASP F 35 15.68 -35.63 -0.95
CA ASP F 35 16.54 -34.47 -0.73
C ASP F 35 16.05 -33.25 -1.51
N MET F 36 15.73 -33.44 -2.78
CA MET F 36 15.24 -32.35 -3.62
C MET F 36 13.99 -31.73 -3.03
N PHE F 37 13.06 -32.57 -2.54
CA PHE F 37 11.84 -32.06 -1.93
C PHE F 37 12.19 -31.24 -0.70
N MET F 38 13.05 -31.78 0.15
CA MET F 38 13.43 -31.06 1.35
C MET F 38 14.06 -29.74 0.91
N ASP F 39 14.83 -29.74 -0.16
CA ASP F 39 15.44 -28.49 -0.65
C ASP F 39 14.38 -27.52 -1.11
N MET F 40 13.45 -27.98 -1.95
CA MET F 40 12.38 -27.12 -2.43
C MET F 40 11.64 -26.49 -1.25
N ALA F 41 11.15 -27.34 -0.36
CA ALA F 41 10.43 -26.86 0.81
C ALA F 41 11.25 -25.77 1.50
N MET F 42 12.55 -25.97 1.62
CA MET F 42 13.40 -24.98 2.29
C MET F 42 13.48 -23.68 1.50
N LEU F 43 13.74 -23.78 0.20
CA LEU F 43 13.87 -22.59 -0.65
C LEU F 43 12.63 -21.74 -0.74
N VAL F 44 11.53 -22.29 -1.25
CA VAL F 44 10.33 -21.50 -1.39
C VAL F 44 10.01 -20.85 -0.05
N GLU F 45 10.18 -21.58 1.05
CA GLU F 45 9.89 -21.00 2.35
C GLU F 45 10.82 -19.83 2.60
N SER F 46 12.07 -19.95 2.18
CA SER F 46 13.04 -18.87 2.36
C SER F 46 12.64 -17.65 1.53
N GLN F 47 12.26 -17.90 0.27
CA GLN F 47 11.88 -16.83 -0.64
C GLN F 47 10.64 -16.11 -0.09
N GLY F 48 9.76 -16.87 0.57
CA GLY F 48 8.54 -16.31 1.12
C GLY F 48 8.78 -15.07 1.95
N GLU F 49 9.91 -15.03 2.64
CA GLU F 49 10.21 -13.87 3.45
C GLU F 49 10.58 -12.70 2.55
N MET F 50 11.13 -13.03 1.38
CA MET F 50 11.51 -12.01 0.41
C MET F 50 10.20 -11.47 -0.19
N ILE F 51 9.28 -12.38 -0.49
CA ILE F 51 8.01 -11.98 -1.07
C ILE F 51 7.16 -11.08 -0.18
N ASP F 52 6.91 -11.44 1.06
CA ASP F 52 6.09 -10.53 1.85
C ASP F 52 6.80 -9.22 2.14
N ARG F 53 8.07 -9.13 1.77
CA ARG F 53 8.79 -7.87 1.95
C ARG F 53 8.40 -7.10 0.67
N ILE F 54 8.44 -7.81 -0.45
CA ILE F 54 8.07 -7.22 -1.74
C ILE F 54 6.66 -6.68 -1.60
N GLU F 55 5.79 -7.46 -0.97
CA GLU F 55 4.39 -7.05 -0.79
C GLU F 55 4.28 -5.83 0.10
N TYR F 56 4.89 -5.86 1.28
CA TYR F 56 4.79 -4.71 2.16
C TYR F 56 5.18 -3.43 1.42
N ASN F 57 6.25 -3.52 0.65
CA ASN F 57 6.75 -2.37 -0.09
C ASN F 57 5.84 -1.92 -1.22
N VAL F 58 5.39 -2.86 -2.04
CA VAL F 58 4.52 -2.43 -3.12
C VAL F 58 3.28 -1.78 -2.53
N GLU F 59 2.73 -2.36 -1.47
CA GLU F 59 1.55 -1.76 -0.88
C GLU F 59 1.83 -0.37 -0.32
N HIS F 60 2.96 -0.20 0.32
CA HIS F 60 3.30 1.10 0.89
C HIS F 60 3.42 2.08 -0.28
N ALA F 61 3.94 1.60 -1.40
CA ALA F 61 4.10 2.45 -2.56
C ALA F 61 2.71 2.86 -3.09
N VAL F 62 1.77 1.91 -3.06
CA VAL F 62 0.43 2.23 -3.54
C VAL F 62 -0.11 3.34 -2.66
N ASP F 63 0.06 3.17 -1.36
CA ASP F 63 -0.42 4.19 -0.42
C ASP F 63 0.19 5.51 -0.79
N TYR F 64 1.52 5.55 -0.89
CA TYR F 64 2.21 6.80 -1.24
C TYR F 64 1.70 7.44 -2.52
N VAL F 65 1.46 6.62 -3.53
CA VAL F 65 0.97 7.18 -4.78
C VAL F 65 -0.42 7.73 -4.59
N GLU F 66 -1.27 6.97 -3.90
CA GLU F 66 -2.64 7.40 -3.65
C GLU F 66 -2.69 8.72 -2.90
N ARG F 67 -1.88 8.81 -1.86
CA ARG F 67 -1.88 10.05 -1.10
C ARG F 67 -1.45 11.13 -2.07
N ALA F 68 -0.44 10.83 -2.89
CA ALA F 68 0.10 11.79 -3.86
C ALA F 68 -0.96 12.29 -4.82
N VAL F 69 -1.64 11.36 -5.48
CA VAL F 69 -2.70 11.74 -6.42
C VAL F 69 -3.67 12.60 -5.66
N SER F 70 -4.10 12.10 -4.51
CA SER F 70 -5.03 12.82 -3.67
C SER F 70 -4.51 14.23 -3.40
N ASP F 71 -3.32 14.35 -2.79
CA ASP F 71 -2.80 15.70 -2.51
C ASP F 71 -2.81 16.51 -3.79
N THR F 72 -2.57 15.84 -4.90
CA THR F 72 -2.54 16.47 -6.21
C THR F 72 -3.93 17.01 -6.64
N LYS F 73 -4.98 16.24 -6.40
CA LYS F 73 -6.35 16.69 -6.71
C LYS F 73 -6.67 17.91 -5.87
N LYS F 74 -6.38 17.83 -4.57
CA LYS F 74 -6.65 18.94 -3.68
C LYS F 74 -5.96 20.18 -4.22
N ALA F 75 -4.71 20.01 -4.64
CA ALA F 75 -3.95 21.14 -5.18
C ALA F 75 -4.78 21.82 -6.27
N VAL F 76 -5.12 21.06 -7.30
CA VAL F 76 -5.90 21.60 -8.41
C VAL F 76 -7.14 22.34 -7.94
N LYS F 77 -7.86 21.77 -6.99
CA LYS F 77 -9.07 22.41 -6.50
C LYS F 77 -8.77 23.69 -5.75
N TYR F 78 -7.75 23.68 -4.89
CA TYR F 78 -7.40 24.90 -4.15
C TYR F 78 -7.01 26.00 -5.12
N GLN F 79 -6.45 25.63 -6.26
CA GLN F 79 -6.05 26.62 -7.24
C GLN F 79 -7.26 27.12 -8.00
N SER F 80 -8.07 26.18 -8.48
CA SER F 80 -9.26 26.52 -9.24
C SER F 80 -10.11 27.55 -8.50
N LYS F 81 -10.44 27.25 -7.24
CA LYS F 81 -11.24 28.17 -6.45
C LYS F 81 -10.60 29.55 -6.59
N ALA F 82 -9.37 29.68 -6.10
CA ALA F 82 -8.65 30.95 -6.17
C ALA F 82 -9.38 32.03 -5.38
N GLU G 12 27.87 -73.16 2.77
CA GLU G 12 27.23 -72.14 3.66
C GLU G 12 28.14 -70.92 3.79
N GLU G 13 27.77 -70.00 4.68
CA GLU G 13 28.53 -68.76 4.88
C GLU G 13 28.27 -67.98 3.59
N MET G 14 27.81 -68.75 2.61
CA MET G 14 27.42 -68.32 1.27
C MET G 14 25.96 -68.76 1.29
N GLN G 15 25.39 -68.67 2.48
CA GLN G 15 24.00 -69.00 2.78
C GLN G 15 23.59 -68.06 3.91
N ARG G 16 24.53 -67.82 4.81
CA ARG G 16 24.34 -66.89 5.92
C ARG G 16 24.33 -65.54 5.23
N ARG G 17 24.69 -65.58 3.95
CA ARG G 17 24.77 -64.40 3.12
C ARG G 17 23.44 -64.09 2.47
N ALA G 18 22.70 -65.13 2.09
CA ALA G 18 21.40 -64.95 1.47
C ALA G 18 20.39 -64.46 2.51
N ASP G 19 20.84 -64.39 3.76
CA ASP G 19 20.00 -63.92 4.86
C ASP G 19 20.44 -62.49 5.19
N GLN G 20 21.74 -62.29 5.31
CA GLN G 20 22.29 -60.98 5.64
C GLN G 20 21.87 -59.94 4.59
N LEU G 21 21.69 -60.40 3.35
CA LEU G 21 21.28 -59.50 2.27
C LEU G 21 19.77 -59.34 2.30
N ALA G 22 19.07 -60.34 2.81
CA ALA G 22 17.62 -60.27 2.90
C ALA G 22 17.24 -59.28 4.00
N ASP G 23 18.14 -59.11 4.97
CA ASP G 23 17.89 -58.17 6.06
C ASP G 23 18.10 -56.75 5.56
N GLU G 24 19.24 -56.52 4.91
CA GLU G 24 19.56 -55.21 4.39
C GLU G 24 18.51 -54.73 3.41
N SER G 25 18.07 -55.61 2.52
CA SER G 25 17.06 -55.27 1.53
C SER G 25 15.76 -54.85 2.21
N LEU G 26 15.24 -55.69 3.11
CA LEU G 26 14.01 -55.34 3.81
C LEU G 26 14.20 -53.98 4.50
N GLU G 27 15.30 -53.83 5.22
CA GLU G 27 15.56 -52.56 5.90
C GLU G 27 15.67 -51.41 4.91
N SER G 28 16.13 -51.70 3.70
CA SER G 28 16.26 -50.67 2.67
C SER G 28 14.86 -50.20 2.30
N THR G 29 13.95 -51.15 2.07
CA THR G 29 12.58 -50.83 1.69
C THR G 29 11.84 -50.07 2.78
N ARG G 30 12.30 -50.22 4.02
CA ARG G 30 11.66 -49.50 5.11
C ARG G 30 12.17 -48.08 5.16
N ARG G 31 13.49 -47.90 5.04
CA ARG G 31 14.03 -46.56 5.01
C ARG G 31 13.38 -45.83 3.83
N MET G 32 13.15 -46.55 2.74
CA MET G 32 12.52 -45.99 1.55
C MET G 32 11.20 -45.32 1.92
N LEU G 33 10.33 -46.10 2.54
CA LEU G 33 8.99 -45.65 2.93
C LEU G 33 8.95 -44.37 3.76
N GLN G 34 9.79 -44.30 4.80
CA GLN G 34 9.82 -43.11 5.65
C GLN G 34 10.49 -41.99 4.85
N LEU G 35 11.34 -42.38 3.91
CA LEU G 35 12.07 -41.44 3.07
C LEU G 35 11.10 -40.77 2.11
N VAL G 36 10.11 -41.55 1.67
CA VAL G 36 9.11 -41.07 0.74
C VAL G 36 7.99 -40.24 1.36
N GLU G 37 7.33 -40.72 2.41
CA GLU G 37 6.28 -39.88 2.98
C GLU G 37 6.81 -38.76 3.86
N GLU G 38 8.08 -38.43 3.69
CA GLU G 38 8.63 -37.29 4.41
C GLU G 38 8.72 -36.29 3.26
N SER G 39 8.91 -36.85 2.06
CA SER G 39 8.96 -36.06 0.85
C SER G 39 7.55 -35.54 0.65
N LYS G 40 6.60 -36.46 0.75
CA LYS G 40 5.20 -36.13 0.58
C LYS G 40 4.84 -34.93 1.46
N ASP G 41 5.16 -35.02 2.75
CA ASP G 41 4.85 -33.91 3.65
C ASP G 41 5.55 -32.65 3.15
N ALA G 42 6.79 -32.81 2.68
CA ALA G 42 7.56 -31.68 2.17
C ALA G 42 6.86 -31.11 0.93
N GLY G 43 6.40 -31.99 0.06
CA GLY G 43 5.70 -31.55 -1.14
C GLY G 43 4.50 -30.67 -0.82
N ILE G 44 3.53 -31.19 -0.07
CA ILE G 44 2.33 -30.43 0.26
C ILE G 44 2.70 -29.11 0.92
N ARG G 45 3.70 -29.15 1.78
CA ARG G 45 4.17 -27.97 2.49
C ARG G 45 4.59 -26.92 1.48
N THR G 46 5.34 -27.37 0.47
CA THR G 46 5.82 -26.48 -0.60
C THR G 46 4.62 -25.96 -1.39
N LEU G 47 3.88 -26.87 -2.01
CA LEU G 47 2.72 -26.50 -2.80
C LEU G 47 1.82 -25.50 -2.08
N VAL G 48 1.69 -25.64 -0.77
CA VAL G 48 0.85 -24.72 -0.03
C VAL G 48 1.52 -23.36 0.06
N MET G 49 2.80 -23.35 0.40
CA MET G 49 3.53 -22.09 0.49
C MET G 49 3.48 -21.40 -0.85
N LEU G 50 3.74 -22.16 -1.91
CA LEU G 50 3.71 -21.59 -3.24
C LEU G 50 2.38 -20.90 -3.47
N ASP G 51 1.29 -21.55 -3.08
CA ASP G 51 -0.03 -20.97 -3.28
C ASP G 51 -0.18 -19.65 -2.53
N GLU G 52 0.10 -19.66 -1.24
CA GLU G 52 -0.02 -18.44 -0.46
C GLU G 52 0.89 -17.35 -1.02
N GLN G 53 1.98 -17.72 -1.66
CA GLN G 53 2.91 -16.74 -2.23
C GLN G 53 2.39 -16.19 -3.55
N GLY G 54 1.74 -17.05 -4.32
CA GLY G 54 1.18 -16.60 -5.58
C GLY G 54 0.13 -15.55 -5.32
N GLU G 55 -0.67 -15.72 -4.28
CA GLU G 55 -1.69 -14.73 -3.98
C GLU G 55 -0.99 -13.39 -3.80
N GLN G 56 0.11 -13.41 -3.06
CA GLN G 56 0.87 -12.19 -2.81
C GLN G 56 1.36 -11.56 -4.11
N LEU G 57 1.85 -12.39 -5.02
CA LEU G 57 2.31 -11.87 -6.29
C LEU G 57 1.12 -11.23 -7.00
N ASP G 58 -0.05 -11.83 -6.82
CA ASP G 58 -1.27 -11.29 -7.43
C ASP G 58 -1.60 -9.93 -6.86
N ARG G 59 -1.53 -9.79 -5.55
CA ARG G 59 -1.82 -8.49 -4.93
C ARG G 59 -0.72 -7.50 -5.34
N VAL G 60 0.51 -7.99 -5.47
CA VAL G 60 1.60 -7.13 -5.88
C VAL G 60 1.34 -6.67 -7.30
N GLU G 61 1.06 -7.61 -8.20
CA GLU G 61 0.77 -7.21 -9.57
C GLU G 61 -0.36 -6.21 -9.62
N GLU G 62 -1.44 -6.47 -8.88
CA GLU G 62 -2.57 -5.54 -8.88
C GLU G 62 -2.15 -4.19 -8.31
N GLY G 63 -1.29 -4.21 -7.31
CA GLY G 63 -0.86 -2.94 -6.74
C GLY G 63 -0.14 -2.19 -7.84
N MET G 64 0.54 -2.94 -8.69
CA MET G 64 1.26 -2.29 -9.78
C MET G 64 0.26 -1.66 -10.74
N ASN G 65 -0.79 -2.40 -11.10
CA ASN G 65 -1.80 -1.83 -11.99
C ASN G 65 -2.43 -0.67 -11.25
N HIS G 66 -2.56 -0.83 -9.94
CA HIS G 66 -3.16 0.23 -9.14
C HIS G 66 -2.32 1.51 -9.20
N ILE G 67 -1.00 1.38 -9.09
CA ILE G 67 -0.15 2.56 -9.14
C ILE G 67 -0.21 3.17 -10.53
N ASN G 68 -0.41 2.33 -11.53
CA ASN G 68 -0.44 2.78 -12.91
C ASN G 68 -1.54 3.78 -13.19
N GLN G 69 -2.78 3.41 -12.85
CA GLN G 69 -3.88 4.30 -13.13
C GLN G 69 -3.94 5.46 -12.16
N ASP G 70 -3.27 5.32 -11.03
CA ASP G 70 -3.25 6.41 -10.07
C ASP G 70 -2.34 7.48 -10.65
N MET G 71 -1.22 7.07 -11.24
CA MET G 71 -0.33 8.08 -11.78
C MET G 71 -0.96 8.81 -12.99
N LYS G 72 -1.87 8.15 -13.72
CA LYS G 72 -2.49 8.86 -14.84
C LYS G 72 -3.17 10.11 -14.28
N GLU G 73 -3.96 9.94 -13.23
CA GLU G 73 -4.64 11.08 -12.61
C GLU G 73 -3.64 12.08 -12.06
N ALA G 74 -2.59 11.62 -11.40
CA ALA G 74 -1.60 12.55 -10.86
C ALA G 74 -0.95 13.30 -12.01
N GLU G 75 -0.62 12.57 -13.08
CA GLU G 75 0.00 13.17 -14.25
C GLU G 75 -0.82 14.34 -14.79
N LYS G 76 -2.10 14.14 -15.07
CA LYS G 76 -2.92 15.26 -15.59
C LYS G 76 -3.27 16.32 -14.57
N ASN G 77 -3.33 15.95 -13.30
CA ASN G 77 -3.61 16.97 -12.31
C ASN G 77 -2.40 17.87 -12.25
N LEU G 78 -1.21 17.27 -12.30
CA LEU G 78 0.03 18.06 -12.26
C LEU G 78 0.09 19.02 -13.44
N LYS G 79 -0.69 18.71 -14.48
CA LYS G 79 -0.72 19.58 -15.65
C LYS G 79 -1.74 20.71 -15.46
N ASP G 80 -2.90 20.39 -14.86
CA ASP G 80 -3.91 21.42 -14.63
C ASP G 80 -3.34 22.56 -13.80
N LEU G 81 -2.38 22.24 -12.95
CA LEU G 81 -1.75 23.24 -12.09
C LEU G 81 -0.94 24.24 -12.93
N GLY G 82 -0.45 23.77 -14.07
CA GLY G 82 0.31 24.65 -14.95
C GLY G 82 -0.68 25.44 -15.80
N LYS G 83 -1.65 26.04 -15.12
CA LYS G 83 -2.70 26.82 -15.77
C LYS G 83 -3.81 25.92 -16.27
N GLY H 13 5.05 -52.81 -5.48
CA GLY H 13 5.89 -53.24 -6.64
C GLY H 13 6.46 -54.63 -6.46
N PHE H 14 5.81 -55.62 -7.09
CA PHE H 14 6.25 -57.02 -7.01
C PHE H 14 7.73 -57.21 -7.30
N ILE H 15 8.43 -57.78 -6.32
CA ILE H 15 9.85 -58.06 -6.41
C ILE H 15 9.96 -59.58 -6.47
N ARG H 16 10.98 -60.15 -7.14
CA ARG H 16 11.06 -61.61 -7.17
C ARG H 16 11.60 -62.21 -5.89
N ARG H 17 11.05 -63.39 -5.58
CA ARG H 17 11.39 -64.12 -4.36
C ARG H 17 12.27 -65.34 -4.51
N VAL H 18 12.99 -65.64 -3.44
CA VAL H 18 13.89 -66.79 -3.33
C VAL H 18 13.89 -67.08 -1.84
N THR H 19 12.97 -67.95 -1.41
CA THR H 19 12.72 -68.34 -0.01
C THR H 19 11.69 -67.32 0.47
N ASN H 20 10.48 -67.43 -0.10
CA ASN H 20 9.32 -66.54 0.11
C ASN H 20 8.79 -66.15 1.51
N ASP H 21 9.69 -66.01 2.49
CA ASP H 21 9.33 -65.68 3.88
C ASP H 21 8.75 -64.31 4.19
N ALA H 22 8.27 -64.24 5.43
CA ALA H 22 7.66 -63.09 6.05
C ALA H 22 8.52 -61.85 5.79
N ARG H 23 9.83 -62.06 5.80
CA ARG H 23 10.79 -60.99 5.57
C ARG H 23 10.70 -60.41 4.16
N GLU H 24 10.82 -61.24 3.13
CA GLU H 24 10.73 -60.74 1.76
C GLU H 24 9.25 -60.56 1.43
N ASN H 25 8.46 -60.60 2.49
CA ASN H 25 7.03 -60.42 2.37
C ASN H 25 6.84 -58.94 2.67
N GLU H 26 7.40 -58.47 3.79
CA GLU H 26 7.29 -57.07 4.14
C GLU H 26 7.91 -56.21 3.03
N MET H 27 8.85 -56.78 2.29
CA MET H 27 9.48 -56.05 1.19
C MET H 27 8.45 -55.62 0.17
N ASP H 28 7.70 -56.58 -0.36
CA ASP H 28 6.67 -56.27 -1.33
C ASP H 28 5.65 -55.33 -0.71
N GLU H 29 5.41 -55.49 0.59
CA GLU H 29 4.47 -54.63 1.30
C GLU H 29 4.98 -53.19 1.27
N ASN H 30 6.29 -53.03 1.43
CA ASN H 30 6.91 -51.71 1.42
C ASN H 30 6.94 -51.12 0.02
N LEU H 31 7.48 -51.89 -0.93
CA LEU H 31 7.54 -51.44 -2.32
C LEU H 31 6.13 -51.14 -2.80
N GLU H 32 5.15 -51.65 -2.08
CA GLU H 32 3.75 -51.43 -2.41
C GLU H 32 3.46 -49.97 -2.12
N GLN H 33 3.41 -49.63 -0.83
CA GLN H 33 3.12 -48.27 -0.44
C GLN H 33 4.13 -47.27 -1.01
N VAL H 34 5.36 -47.70 -1.24
CA VAL H 34 6.36 -46.78 -1.80
C VAL H 34 5.95 -46.41 -3.22
N SER H 35 5.75 -47.43 -4.05
CA SER H 35 5.35 -47.22 -5.44
C SER H 35 4.17 -46.27 -5.49
N GLY H 36 3.31 -46.34 -4.47
CA GLY H 36 2.14 -45.50 -4.41
C GLY H 36 2.46 -44.05 -4.07
N ILE H 37 3.21 -43.83 -2.99
CA ILE H 37 3.53 -42.48 -2.61
C ILE H 37 4.47 -41.85 -3.64
N ILE H 38 4.97 -42.67 -4.57
CA ILE H 38 5.87 -42.14 -5.59
C ILE H 38 5.07 -41.49 -6.72
N GLY H 39 4.36 -42.30 -7.50
CA GLY H 39 3.57 -41.75 -8.59
C GLY H 39 2.74 -40.58 -8.11
N ASN H 40 2.47 -40.57 -6.81
CA ASN H 40 1.71 -39.52 -6.16
C ASN H 40 2.61 -38.30 -6.00
N LEU H 41 3.84 -38.56 -5.56
CA LEU H 41 4.86 -37.54 -5.36
C LEU H 41 5.10 -36.85 -6.70
N ARG H 42 5.03 -37.64 -7.76
CA ARG H 42 5.25 -37.15 -9.11
C ARG H 42 4.31 -35.98 -9.42
N HIS H 43 3.04 -36.13 -9.09
CA HIS H 43 2.09 -35.05 -9.32
C HIS H 43 2.51 -33.77 -8.60
N MET H 44 2.80 -33.88 -7.30
CA MET H 44 3.20 -32.71 -6.55
C MET H 44 4.38 -32.00 -7.24
N ALA H 45 5.30 -32.78 -7.81
CA ALA H 45 6.45 -32.21 -8.49
C ALA H 45 6.04 -31.38 -9.70
N LEU H 46 5.09 -31.89 -10.47
CA LEU H 46 4.61 -31.20 -11.66
C LEU H 46 3.92 -29.89 -11.29
N ASP H 47 2.89 -29.98 -10.45
CA ASP H 47 2.19 -28.77 -10.03
C ASP H 47 3.22 -27.77 -9.56
N MET H 48 4.05 -28.23 -8.64
CA MET H 48 5.14 -27.44 -8.09
C MET H 48 5.82 -26.75 -9.28
N GLY H 49 6.22 -27.54 -10.26
CA GLY H 49 6.87 -26.98 -11.41
C GLY H 49 6.01 -25.90 -12.02
N ASN H 50 4.89 -26.31 -12.60
CA ASN H 50 3.96 -25.36 -13.23
C ASN H 50 3.74 -24.09 -12.41
N GLU H 51 3.57 -24.23 -11.10
CA GLU H 51 3.36 -23.04 -10.28
C GLU H 51 4.55 -22.13 -10.39
N ILE H 52 5.74 -22.68 -10.23
CA ILE H 52 6.96 -21.88 -10.32
C ILE H 52 7.00 -21.12 -11.63
N ASP H 53 6.77 -21.82 -12.74
CA ASP H 53 6.79 -21.15 -14.02
C ASP H 53 5.79 -20.00 -14.02
N THR H 54 4.53 -20.35 -13.83
CA THR H 54 3.46 -19.35 -13.79
C THR H 54 3.89 -18.12 -13.01
N GLN H 55 4.44 -18.35 -11.82
CA GLN H 55 4.87 -17.25 -10.99
C GLN H 55 6.10 -16.53 -11.53
N ASN H 56 7.02 -17.29 -12.11
CA ASN H 56 8.21 -16.66 -12.66
C ASN H 56 7.75 -15.67 -13.72
N ARG H 57 7.03 -16.17 -14.71
CA ARG H 57 6.51 -15.34 -15.80
C ARG H 57 5.80 -14.11 -15.22
N GLN H 58 4.99 -14.34 -14.20
CA GLN H 58 4.28 -13.23 -13.59
C GLN H 58 5.24 -12.24 -12.95
N ILE H 59 6.22 -12.74 -12.20
CA ILE H 59 7.17 -11.85 -11.55
C ILE H 59 7.82 -10.98 -12.60
N ASP H 60 8.04 -11.51 -13.79
CA ASP H 60 8.63 -10.70 -14.85
C ASP H 60 7.71 -9.53 -15.19
N ARG H 61 6.44 -9.82 -15.47
CA ARG H 61 5.47 -8.79 -15.78
C ARG H 61 5.43 -7.77 -14.66
N ILE H 62 5.36 -8.23 -13.43
CA ILE H 62 5.33 -7.29 -12.34
C ILE H 62 6.49 -6.32 -12.46
N MET H 63 7.69 -6.84 -12.70
CA MET H 63 8.84 -5.95 -12.82
C MET H 63 8.73 -4.97 -13.97
N GLU H 64 8.22 -5.45 -15.09
CA GLU H 64 8.04 -4.55 -16.22
C GLU H 64 7.11 -3.45 -15.70
N LYS H 65 6.04 -3.87 -15.02
CA LYS H 65 5.09 -2.92 -14.45
C LYS H 65 5.79 -2.01 -13.42
N ALA H 66 6.67 -2.58 -12.61
CA ALA H 66 7.36 -1.78 -11.61
C ALA H 66 8.16 -0.67 -12.30
N ASP H 67 8.89 -1.03 -13.36
CA ASP H 67 9.69 -0.04 -14.06
C ASP H 67 8.85 1.12 -14.52
N SER H 68 7.88 0.80 -15.38
CA SER H 68 7.00 1.82 -15.91
C SER H 68 6.54 2.73 -14.78
N ASN H 69 6.09 2.13 -13.69
CA ASN H 69 5.63 2.90 -12.55
C ASN H 69 6.72 3.78 -11.92
N LYS H 70 7.87 3.18 -11.62
CA LYS H 70 8.98 3.96 -11.04
C LYS H 70 9.32 5.15 -11.95
N THR H 71 9.48 4.88 -13.24
CA THR H 71 9.82 5.95 -14.18
C THR H 71 8.75 7.03 -14.09
N ARG H 72 7.51 6.66 -14.33
CA ARG H 72 6.42 7.63 -14.28
C ARG H 72 6.37 8.41 -12.98
N ILE H 73 6.66 7.74 -11.87
CA ILE H 73 6.67 8.39 -10.57
C ILE H 73 7.78 9.42 -10.54
N ASP H 74 8.95 9.05 -11.05
CA ASP H 74 10.08 9.97 -11.06
C ASP H 74 9.80 11.21 -11.90
N GLU H 75 9.38 11.01 -13.14
CA GLU H 75 9.09 12.15 -13.99
C GLU H 75 8.06 13.01 -13.27
N ALA H 76 7.10 12.36 -12.61
CA ALA H 76 6.07 13.09 -11.86
C ALA H 76 6.69 13.91 -10.74
N ASN H 77 7.63 13.32 -10.01
CA ASN H 77 8.30 14.03 -8.91
C ASN H 77 9.13 15.17 -9.49
N GLN H 78 9.79 14.88 -10.60
CA GLN H 78 10.60 15.91 -11.28
C GLN H 78 9.70 17.12 -11.52
N ARG H 79 8.68 16.93 -12.35
CA ARG H 79 7.75 18.02 -12.65
C ARG H 79 7.24 18.69 -11.38
N ALA H 80 6.58 17.94 -10.52
CA ALA H 80 6.05 18.47 -9.27
C ALA H 80 7.07 19.38 -8.58
N THR H 81 8.34 18.97 -8.61
CA THR H 81 9.37 19.78 -7.99
C THR H 81 9.61 21.04 -8.81
N LYS H 82 9.67 20.89 -10.12
CA LYS H 82 9.87 22.04 -11.00
C LYS H 82 8.84 23.09 -10.59
N MET H 83 7.58 22.67 -10.55
CA MET H 83 6.48 23.56 -10.19
C MET H 83 6.56 24.12 -8.79
N LEU H 84 7.08 23.32 -7.85
CA LEU H 84 7.19 23.78 -6.48
C LEU H 84 7.98 25.07 -6.36
N LEU I 26 -49.07 38.29 -43.28
CA LEU I 26 -49.42 37.02 -42.57
C LEU I 26 -48.35 36.70 -41.50
N THR I 27 -47.73 37.74 -40.96
CA THR I 27 -46.74 37.63 -39.89
C THR I 27 -47.56 37.53 -38.60
N SER I 28 -47.02 36.95 -37.52
CA SER I 28 -47.90 36.79 -36.35
C SER I 28 -47.42 36.84 -34.90
N ASN I 29 -46.14 36.70 -34.62
CA ASN I 29 -45.68 36.69 -33.23
C ASN I 29 -45.93 35.27 -32.68
N ARG I 30 -46.94 34.60 -33.23
CA ARG I 30 -47.30 33.26 -32.80
C ARG I 30 -46.09 32.41 -32.44
N ARG I 31 -45.13 32.33 -33.34
CA ARG I 31 -43.94 31.54 -33.09
C ARG I 31 -43.29 32.03 -31.79
N LEU I 32 -43.03 33.33 -31.69
CA LEU I 32 -42.44 33.92 -30.49
C LEU I 32 -43.22 33.50 -29.25
N GLN I 33 -44.52 33.26 -29.42
CA GLN I 33 -45.36 32.83 -28.31
C GLN I 33 -44.89 31.48 -27.81
N GLN I 34 -44.84 30.50 -28.72
CA GLN I 34 -44.42 29.16 -28.37
C GLN I 34 -42.97 29.17 -27.89
N THR I 35 -42.17 30.07 -28.45
CA THR I 35 -40.77 30.17 -28.02
C THR I 35 -40.81 30.51 -26.53
N GLN I 36 -41.83 31.29 -26.14
CA GLN I 36 -42.01 31.66 -24.75
C GLN I 36 -42.55 30.49 -23.96
N ALA I 37 -43.25 29.59 -24.66
CA ALA I 37 -43.81 28.41 -24.03
C ALA I 37 -42.70 27.44 -23.66
N GLN I 38 -41.76 27.23 -24.58
CA GLN I 38 -40.68 26.30 -24.29
C GLN I 38 -39.69 26.90 -23.32
N VAL I 39 -39.63 28.23 -23.28
CA VAL I 39 -38.73 28.89 -22.33
C VAL I 39 -39.38 28.73 -20.99
N ASP I 40 -40.66 28.39 -20.99
CA ASP I 40 -41.38 28.19 -19.77
C ASP I 40 -41.22 26.73 -19.35
N GLU I 41 -41.31 25.84 -20.34
CA GLU I 41 -41.19 24.41 -20.07
C GLU I 41 -39.83 24.11 -19.44
N VAL I 42 -38.79 24.72 -20.02
CA VAL I 42 -37.45 24.52 -19.51
C VAL I 42 -37.32 25.09 -18.11
N VAL I 43 -38.19 26.04 -17.78
CA VAL I 43 -38.16 26.62 -16.46
C VAL I 43 -38.77 25.63 -15.47
N ASP I 44 -39.79 24.89 -15.91
CA ASP I 44 -40.41 23.91 -15.03
C ASP I 44 -39.36 22.86 -14.71
N ILE I 45 -38.79 22.29 -15.76
CA ILE I 45 -37.76 21.27 -15.63
C ILE I 45 -36.67 21.74 -14.69
N MET I 46 -36.26 22.99 -14.81
CA MET I 46 -35.22 23.52 -13.95
C MET I 46 -35.71 23.66 -12.51
N ARG I 47 -36.93 24.16 -12.36
CA ARG I 47 -37.52 24.33 -11.04
C ARG I 47 -37.44 22.97 -10.34
N VAL I 48 -37.87 21.93 -11.06
CA VAL I 48 -37.84 20.57 -10.54
C VAL I 48 -36.41 20.21 -10.19
N ASN I 49 -35.53 20.38 -11.16
CA ASN I 49 -34.12 20.07 -10.96
C ASN I 49 -33.61 20.68 -9.67
N VAL I 50 -33.98 21.93 -9.41
CA VAL I 50 -33.54 22.59 -8.20
C VAL I 50 -33.96 21.79 -7.00
N ASP I 51 -35.18 21.27 -7.03
CA ASP I 51 -35.65 20.47 -5.92
C ASP I 51 -34.70 19.28 -5.84
N LYS I 52 -34.57 18.55 -6.95
CA LYS I 52 -33.71 17.38 -6.99
C LYS I 52 -32.30 17.62 -6.51
N VAL I 53 -31.83 18.85 -6.63
CA VAL I 53 -30.47 19.10 -6.20
C VAL I 53 -30.42 19.45 -4.72
N LEU I 54 -31.52 20.03 -4.22
CA LEU I 54 -31.62 20.36 -2.81
C LEU I 54 -31.75 19.04 -2.08
N GLU I 55 -32.45 18.10 -2.70
CA GLU I 55 -32.60 16.78 -2.12
C GLU I 55 -31.20 16.18 -2.06
N ARG I 56 -30.49 16.23 -3.20
CA ARG I 56 -29.14 15.70 -3.25
C ARG I 56 -28.31 16.38 -2.15
N ASP I 57 -28.57 17.65 -1.94
CA ASP I 57 -27.85 18.39 -0.92
C ASP I 57 -28.08 17.70 0.42
N GLN I 58 -29.34 17.43 0.75
CA GLN I 58 -29.61 16.79 2.01
C GLN I 58 -29.03 15.37 2.01
N LYS I 59 -29.15 14.66 0.89
CA LYS I 59 -28.61 13.30 0.82
C LYS I 59 -27.08 13.29 0.88
N LEU I 60 -26.45 14.34 0.39
CA LEU I 60 -25.00 14.38 0.45
C LEU I 60 -24.59 14.67 1.90
N SER I 61 -25.30 15.60 2.52
CA SER I 61 -25.01 15.98 3.90
C SER I 61 -25.03 14.76 4.82
N GLU I 62 -25.98 13.84 4.58
CA GLU I 62 -26.06 12.62 5.39
C GLU I 62 -24.86 11.77 5.07
N LEU I 63 -24.61 11.54 3.78
CA LEU I 63 -23.47 10.73 3.37
C LEU I 63 -22.20 11.32 3.95
N ASP I 64 -22.20 12.63 4.14
CA ASP I 64 -21.03 13.28 4.71
C ASP I 64 -20.88 12.81 6.14
N ASP I 65 -21.94 12.93 6.93
CA ASP I 65 -21.88 12.50 8.32
C ASP I 65 -21.56 11.00 8.48
N ARG I 66 -22.04 10.19 7.55
CA ARG I 66 -21.77 8.76 7.64
C ARG I 66 -20.35 8.42 7.26
N ALA I 67 -19.89 8.99 6.14
CA ALA I 67 -18.51 8.72 5.70
C ALA I 67 -17.63 9.10 6.86
N ASP I 68 -17.95 10.24 7.46
CA ASP I 68 -17.21 10.77 8.57
C ASP I 68 -17.25 9.74 9.72
N ALA I 69 -18.44 9.30 10.09
CA ALA I 69 -18.54 8.34 11.16
C ALA I 69 -17.83 7.06 10.73
N LEU I 70 -18.01 6.68 9.46
CA LEU I 70 -17.39 5.46 8.95
C LEU I 70 -15.91 5.55 9.21
N GLN I 71 -15.36 6.71 8.88
CA GLN I 71 -13.93 6.97 9.04
C GLN I 71 -13.47 6.80 10.47
N ALA I 72 -14.09 7.54 11.40
CA ALA I 72 -13.71 7.45 12.81
C ALA I 72 -13.72 6.01 13.24
N GLY I 73 -14.72 5.25 12.79
CA GLY I 73 -14.79 3.85 13.17
C GLY I 73 -13.61 3.08 12.62
N ALA I 74 -13.33 3.28 11.34
CA ALA I 74 -12.22 2.60 10.68
C ALA I 74 -10.94 2.95 11.40
N SER I 75 -10.84 4.21 11.83
CA SER I 75 -9.65 4.67 12.51
C SER I 75 -9.41 3.99 13.86
N GLN I 76 -10.49 3.60 14.55
CA GLN I 76 -10.31 2.94 15.83
C GLN I 76 -9.85 1.52 15.57
N PHE I 77 -10.47 0.89 14.57
CA PHE I 77 -10.10 -0.48 14.25
C PHE I 77 -8.60 -0.50 13.87
N GLU I 78 -8.19 0.49 13.09
CA GLU I 78 -6.79 0.62 12.68
C GLU I 78 -5.88 0.66 13.91
N THR I 79 -6.30 1.39 14.94
CA THR I 79 -5.55 1.51 16.18
C THR I 79 -5.49 0.19 16.93
N SER I 80 -6.63 -0.49 17.02
CA SER I 80 -6.64 -1.76 17.73
C SER I 80 -5.85 -2.79 16.93
N ALA I 81 -6.07 -2.81 15.61
CA ALA I 81 -5.38 -3.77 14.77
C ALA I 81 -3.89 -3.57 14.98
N ALA I 82 -3.48 -2.31 15.05
CA ALA I 82 -2.08 -1.98 15.26
C ALA I 82 -1.63 -2.53 16.60
N LYS I 83 -2.38 -2.24 17.66
CA LYS I 83 -2.03 -2.72 19.00
C LYS I 83 -2.08 -4.24 19.15
N LEU I 84 -2.79 -4.92 18.25
CA LEU I 84 -2.85 -6.36 18.32
C LEU I 84 -1.52 -6.92 17.88
N LYS I 85 -1.02 -6.48 16.73
CA LYS I 85 0.25 -7.01 16.28
C LYS I 85 1.34 -6.53 17.22
N ARG I 86 1.11 -5.39 17.87
CA ARG I 86 2.08 -4.87 18.82
C ARG I 86 2.37 -5.91 19.89
N LYS I 87 1.33 -6.39 20.56
CA LYS I 87 1.54 -7.36 21.62
C LYS I 87 1.93 -8.73 21.10
N TYR I 88 1.33 -9.17 20.00
CA TYR I 88 1.69 -10.48 19.48
C TYR I 88 3.12 -10.50 18.96
N TRP I 89 3.67 -9.34 18.68
CA TRP I 89 5.05 -9.26 18.22
C TRP I 89 5.99 -9.55 19.37
N TRP I 90 5.56 -9.27 20.59
CA TRP I 90 6.39 -9.52 21.75
C TRP I 90 6.20 -10.93 22.27
N LYS I 91 4.95 -11.39 22.29
CA LYS I 91 4.69 -12.74 22.74
C LYS I 91 5.59 -13.71 21.97
N ASN I 92 5.56 -13.67 20.64
CA ASN I 92 6.41 -14.58 19.90
C ASN I 92 7.77 -13.95 19.60
N LEU I 93 8.47 -13.65 20.68
CA LEU I 93 9.82 -13.06 20.67
C LEU I 93 10.05 -12.41 22.03
N LYS I 94 10.04 -13.25 23.06
CA LYS I 94 10.25 -12.83 24.44
C LYS I 94 10.26 -14.04 25.38
N SER J 7 -55.33 56.69 -37.70
CA SER J 7 -55.74 55.27 -37.71
C SER J 7 -54.76 54.43 -38.54
N ILE J 8 -54.22 55.04 -39.59
CA ILE J 8 -53.26 54.34 -40.44
C ILE J 8 -51.96 54.16 -39.69
N SER J 9 -51.36 55.27 -39.25
CA SER J 9 -50.13 55.22 -38.50
C SER J 9 -50.44 54.77 -37.06
N LYS J 10 -51.62 55.14 -36.59
CA LYS J 10 -52.04 54.80 -35.23
C LYS J 10 -51.95 53.30 -34.95
N GLN J 11 -52.69 52.49 -35.70
CA GLN J 11 -52.71 51.04 -35.50
C GLN J 11 -51.34 50.38 -35.58
N ALA J 12 -50.50 50.85 -36.49
CA ALA J 12 -49.15 50.30 -36.67
C ALA J 12 -48.33 50.34 -35.38
N LEU J 13 -48.50 51.43 -34.63
CA LEU J 13 -47.80 51.61 -33.37
C LEU J 13 -48.37 50.69 -32.31
N SER J 14 -49.70 50.52 -32.33
CA SER J 14 -50.37 49.65 -31.38
C SER J 14 -50.09 48.18 -31.65
N GLU J 15 -49.47 47.92 -32.81
CA GLU J 15 -49.12 46.55 -33.17
C GLU J 15 -47.64 46.37 -32.85
N ILE J 16 -46.91 47.48 -32.88
CA ILE J 16 -45.48 47.50 -32.57
C ILE J 16 -45.31 47.59 -31.06
N GLU J 17 -46.39 47.88 -30.35
CA GLU J 17 -46.38 47.96 -28.90
C GLU J 17 -46.63 46.54 -28.40
N THR J 18 -47.72 45.96 -28.89
CA THR J 18 -48.09 44.60 -28.53
C THR J 18 -46.87 43.72 -28.74
N ARG J 19 -46.30 43.79 -29.94
CA ARG J 19 -45.15 43.00 -30.28
C ARG J 19 -43.99 43.22 -29.32
N HIS J 20 -43.76 44.47 -28.95
CA HIS J 20 -42.69 44.82 -28.03
C HIS J 20 -42.89 44.21 -26.65
N SER J 21 -44.13 44.18 -26.19
CA SER J 21 -44.40 43.60 -24.88
C SER J 21 -44.05 42.12 -24.95
N GLU J 22 -44.56 41.41 -25.95
CA GLU J 22 -44.28 40.00 -26.14
C GLU J 22 -42.79 39.73 -25.96
N ILE J 23 -41.98 40.62 -26.52
CA ILE J 23 -40.54 40.50 -26.43
C ILE J 23 -40.06 40.66 -25.00
N ILE J 24 -40.28 41.83 -24.40
CA ILE J 24 -39.84 42.02 -23.03
C ILE J 24 -40.56 40.99 -22.15
N LYS J 25 -41.66 40.47 -22.66
CA LYS J 25 -42.43 39.44 -21.96
C LYS J 25 -41.57 38.18 -21.96
N LEU J 26 -41.18 37.75 -23.16
CA LEU J 26 -40.33 36.58 -23.34
C LEU J 26 -39.05 36.80 -22.54
N GLU J 27 -38.42 37.94 -22.79
CA GLU J 27 -37.18 38.32 -22.12
C GLU J 27 -37.23 38.13 -20.62
N ASN J 28 -38.39 38.42 -20.03
CA ASN J 28 -38.55 38.25 -18.59
C ASN J 28 -38.36 36.79 -18.25
N SER J 29 -39.02 35.91 -19.02
CA SER J 29 -38.90 34.47 -18.80
C SER J 29 -37.46 34.01 -18.91
N ILE J 30 -36.80 34.41 -19.99
CA ILE J 30 -35.43 34.02 -20.20
C ILE J 30 -34.51 34.49 -19.08
N ARG J 31 -34.73 35.69 -18.54
CA ARG J 31 -33.87 36.17 -17.46
C ARG J 31 -34.07 35.25 -16.27
N GLU J 32 -35.29 34.77 -16.11
CA GLU J 32 -35.60 33.87 -15.02
C GLU J 32 -34.89 32.56 -15.28
N LEU J 33 -35.05 32.01 -16.49
CA LEU J 33 -34.41 30.75 -16.86
C LEU J 33 -32.93 30.86 -16.54
N HIS J 34 -32.34 31.97 -16.97
CA HIS J 34 -30.93 32.28 -16.75
C HIS J 34 -30.62 32.20 -15.26
N ASP J 35 -31.57 32.61 -14.42
CA ASP J 35 -31.39 32.57 -12.97
C ASP J 35 -31.36 31.13 -12.52
N MET J 36 -32.26 30.32 -13.08
CA MET J 36 -32.31 28.91 -12.74
C MET J 36 -30.91 28.37 -13.01
N PHE J 37 -30.49 28.43 -14.27
CA PHE J 37 -29.17 27.94 -14.64
C PHE J 37 -28.02 28.47 -13.80
N MET J 38 -28.00 29.76 -13.54
CA MET J 38 -26.91 30.30 -12.73
C MET J 38 -27.01 29.67 -11.35
N ASP J 39 -28.23 29.47 -10.87
CA ASP J 39 -28.36 28.86 -9.55
C ASP J 39 -27.94 27.39 -9.54
N MET J 40 -28.46 26.59 -10.46
CA MET J 40 -28.07 25.19 -10.50
C MET J 40 -26.55 25.15 -10.50
N ALA J 41 -25.95 25.85 -11.46
CA ALA J 41 -24.49 25.91 -11.57
C ALA J 41 -23.91 26.17 -10.21
N MET J 42 -24.41 27.22 -9.57
CA MET J 42 -23.95 27.62 -8.25
C MET J 42 -24.14 26.52 -7.22
N LEU J 43 -25.32 25.90 -7.20
CA LEU J 43 -25.56 24.85 -6.23
C LEU J 43 -24.73 23.59 -6.44
N VAL J 44 -24.76 23.03 -7.65
CA VAL J 44 -23.99 21.80 -7.87
C VAL J 44 -22.51 22.04 -7.73
N GLU J 45 -22.08 23.30 -7.83
CA GLU J 45 -20.66 23.55 -7.68
C GLU J 45 -20.32 23.56 -6.21
N SER J 46 -21.03 24.37 -5.47
CA SER J 46 -20.78 24.48 -4.04
C SER J 46 -20.95 23.15 -3.32
N GLN J 47 -21.75 22.25 -3.89
CA GLN J 47 -21.97 20.95 -3.25
C GLN J 47 -20.77 20.04 -3.47
N GLY J 48 -20.09 20.22 -4.58
CA GLY J 48 -18.94 19.39 -4.89
C GLY J 48 -17.88 19.51 -3.81
N GLU J 49 -17.99 20.55 -3.00
CA GLU J 49 -17.03 20.77 -1.94
C GLU J 49 -17.34 19.79 -0.82
N MET J 50 -18.59 19.34 -0.79
CA MET J 50 -19.05 18.40 0.22
C MET J 50 -18.87 16.98 -0.30
N ILE J 51 -18.99 16.85 -1.62
CA ILE J 51 -18.80 15.54 -2.21
C ILE J 51 -17.34 15.10 -2.08
N ASP J 52 -16.39 16.02 -2.26
CA ASP J 52 -15.03 15.54 -2.13
C ASP J 52 -14.60 15.34 -0.69
N ARG J 53 -15.23 16.05 0.23
CA ARG J 53 -14.91 15.86 1.65
C ARG J 53 -15.35 14.44 1.97
N ILE J 54 -16.40 13.98 1.28
CA ILE J 54 -16.88 12.62 1.48
C ILE J 54 -15.84 11.67 0.89
N GLU J 55 -15.30 12.06 -0.26
CA GLU J 55 -14.31 11.22 -0.92
C GLU J 55 -13.02 11.14 -0.13
N TYR J 56 -12.58 12.28 0.41
CA TYR J 56 -11.38 12.31 1.22
C TYR J 56 -11.57 11.41 2.45
N ASN J 57 -12.70 11.53 3.13
CA ASN J 57 -12.95 10.71 4.31
C ASN J 57 -13.08 9.23 4.00
N VAL J 58 -13.80 8.90 2.95
CA VAL J 58 -13.90 7.47 2.63
C VAL J 58 -12.49 6.94 2.34
N GLU J 59 -11.70 7.73 1.62
CA GLU J 59 -10.33 7.34 1.29
C GLU J 59 -9.57 6.92 2.55
N HIS J 60 -9.58 7.74 3.59
CA HIS J 60 -8.86 7.38 4.81
C HIS J 60 -9.51 6.15 5.40
N ALA J 61 -10.84 6.12 5.40
CA ALA J 61 -11.58 4.98 5.94
C ALA J 61 -11.04 3.73 5.28
N VAL J 62 -11.12 3.67 3.95
CA VAL J 62 -10.61 2.50 3.25
C VAL J 62 -9.18 2.22 3.69
N ASP J 63 -8.36 3.28 3.77
CA ASP J 63 -6.96 3.13 4.20
C ASP J 63 -6.91 2.43 5.56
N TYR J 64 -7.50 3.08 6.55
CA TYR J 64 -7.53 2.55 7.90
C TYR J 64 -7.88 1.06 7.94
N VAL J 65 -8.90 0.66 7.20
CA VAL J 65 -9.24 -0.75 7.19
C VAL J 65 -8.08 -1.56 6.60
N GLU J 66 -7.57 -1.14 5.44
CA GLU J 66 -6.46 -1.86 4.83
C GLU J 66 -5.37 -2.03 5.87
N ARG J 67 -5.05 -0.95 6.57
CA ARG J 67 -4.02 -1.01 7.59
C ARG J 67 -4.42 -2.01 8.66
N ALA J 68 -5.71 -2.07 8.98
CA ALA J 68 -6.20 -2.98 10.01
C ALA J 68 -6.07 -4.43 9.56
N VAL J 69 -6.46 -4.71 8.32
CA VAL J 69 -6.34 -6.07 7.80
C VAL J 69 -4.88 -6.46 7.85
N SER J 70 -4.05 -5.65 7.21
CA SER J 70 -2.62 -5.89 7.16
C SER J 70 -2.02 -6.22 8.53
N ASP J 71 -2.18 -5.32 9.49
CA ASP J 71 -1.63 -5.54 10.82
C ASP J 71 -2.25 -6.75 11.46
N THR J 72 -3.56 -6.88 11.28
CA THR J 72 -4.28 -8.00 11.86
C THR J 72 -3.75 -9.33 11.35
N LYS J 73 -3.26 -9.35 10.11
CA LYS J 73 -2.72 -10.57 9.54
C LYS J 73 -1.35 -10.83 10.15
N LYS J 74 -0.50 -9.81 10.14
CA LYS J 74 0.84 -9.94 10.71
C LYS J 74 0.72 -10.49 12.13
N ALA J 75 -0.21 -9.92 12.90
CA ALA J 75 -0.42 -10.34 14.27
C ALA J 75 -0.60 -11.85 14.37
N VAL J 76 -1.22 -12.42 13.34
CA VAL J 76 -1.47 -13.85 13.30
C VAL J 76 -0.19 -14.66 13.09
N LYS J 77 0.71 -14.17 12.22
CA LYS J 77 1.97 -14.88 12.00
C LYS J 77 2.67 -14.86 13.35
N TYR J 78 2.70 -13.69 13.96
CA TYR J 78 3.33 -13.52 15.26
C TYR J 78 2.67 -14.41 16.30
N GLN J 79 1.42 -14.81 16.08
CA GLN J 79 0.76 -15.69 17.04
C GLN J 79 1.37 -17.08 16.88
N SER J 80 2.53 -17.13 16.25
CA SER J 80 3.24 -18.38 16.02
C SER J 80 2.55 -19.11 14.88
N LEU K 11 -49.01 63.37 -33.86
CA LEU K 11 -49.00 62.18 -34.77
C LEU K 11 -47.56 61.87 -35.14
N GLU K 12 -46.75 62.91 -35.15
CA GLU K 12 -45.33 62.78 -35.46
C GLU K 12 -44.73 62.17 -34.19
N GLU K 13 -45.50 62.20 -33.11
CA GLU K 13 -45.09 61.64 -31.84
C GLU K 13 -45.11 60.12 -31.94
N MET K 14 -46.23 59.60 -32.46
CA MET K 14 -46.41 58.16 -32.64
C MET K 14 -45.27 57.56 -33.44
N GLN K 15 -44.96 58.19 -34.56
CA GLN K 15 -43.90 57.73 -35.44
C GLN K 15 -42.56 57.63 -34.70
N ARG K 16 -42.41 58.45 -33.66
CA ARG K 16 -41.20 58.44 -32.84
C ARG K 16 -41.30 57.31 -31.83
N ARG K 17 -42.51 57.12 -31.31
CA ARG K 17 -42.79 56.08 -30.33
C ARG K 17 -42.55 54.71 -30.96
N ALA K 18 -43.22 54.46 -32.09
CA ALA K 18 -43.07 53.18 -32.80
C ALA K 18 -41.61 52.97 -33.17
N ASP K 19 -40.88 54.07 -33.35
CA ASP K 19 -39.47 53.97 -33.72
C ASP K 19 -38.59 53.77 -32.49
N GLN K 20 -39.13 54.10 -31.33
CA GLN K 20 -38.40 53.89 -30.09
C GLN K 20 -38.65 52.43 -29.72
N LEU K 21 -39.92 52.05 -29.75
CA LEU K 21 -40.34 50.69 -29.41
C LEU K 21 -39.78 49.66 -30.38
N ALA K 22 -38.94 50.11 -31.30
CA ALA K 22 -38.34 49.21 -32.27
C ALA K 22 -36.93 48.92 -31.75
N ASP K 23 -36.30 49.94 -31.18
CA ASP K 23 -34.96 49.83 -30.62
C ASP K 23 -35.07 49.18 -29.25
N GLU K 24 -35.94 49.74 -28.42
CA GLU K 24 -36.18 49.24 -27.06
C GLU K 24 -36.59 47.77 -27.16
N SER K 25 -37.12 47.37 -28.31
CA SER K 25 -37.54 45.99 -28.54
C SER K 25 -36.42 45.11 -29.14
N LEU K 26 -35.65 45.68 -30.06
CA LEU K 26 -34.55 44.93 -30.68
C LEU K 26 -33.40 44.74 -29.68
N GLU K 27 -33.17 45.74 -28.83
CA GLU K 27 -32.12 45.62 -27.83
C GLU K 27 -32.49 44.44 -26.93
N SER K 28 -33.79 44.29 -26.69
CA SER K 28 -34.28 43.21 -25.87
C SER K 28 -33.77 41.89 -26.43
N THR K 29 -34.14 41.58 -27.66
CA THR K 29 -33.69 40.34 -28.29
C THR K 29 -32.18 40.18 -28.16
N ARG K 30 -31.44 41.26 -28.33
CA ARG K 30 -29.98 41.19 -28.19
C ARG K 30 -29.65 40.61 -26.82
N ARG K 31 -30.26 41.16 -25.77
CA ARG K 31 -30.04 40.68 -24.42
C ARG K 31 -30.45 39.21 -24.31
N MET K 32 -31.66 38.89 -24.79
CA MET K 32 -32.13 37.52 -24.74
C MET K 32 -31.01 36.61 -25.23
N LEU K 33 -30.58 36.87 -26.46
CA LEU K 33 -29.52 36.10 -27.09
C LEU K 33 -28.28 35.87 -26.23
N GLN K 34 -27.78 36.93 -25.60
CA GLN K 34 -26.59 36.79 -24.77
C GLN K 34 -26.95 36.47 -23.32
N LEU K 35 -28.20 36.08 -23.12
CA LEU K 35 -28.71 35.75 -21.80
C LEU K 35 -28.87 34.23 -21.86
N VAL K 36 -29.42 33.79 -22.99
CA VAL K 36 -29.65 32.40 -23.27
C VAL K 36 -28.31 31.71 -23.44
N GLU K 37 -27.34 32.43 -23.97
CA GLU K 37 -26.00 31.86 -24.17
C GLU K 37 -25.31 31.68 -22.82
N GLU K 38 -25.46 32.63 -21.92
CA GLU K 38 -24.85 32.50 -20.60
C GLU K 38 -25.44 31.29 -19.92
N SER K 39 -26.71 31.05 -20.19
CA SER K 39 -27.41 29.91 -19.61
C SER K 39 -26.78 28.63 -20.18
N LYS K 40 -26.53 28.64 -21.48
CA LYS K 40 -25.96 27.48 -22.16
C LYS K 40 -24.59 27.11 -21.59
N ASP K 41 -23.80 28.11 -21.23
CA ASP K 41 -22.50 27.80 -20.70
C ASP K 41 -22.57 27.37 -19.24
N ALA K 42 -23.51 27.95 -18.50
CA ALA K 42 -23.66 27.57 -17.10
C ALA K 42 -24.21 26.15 -17.05
N GLY K 43 -24.97 25.77 -18.08
CA GLY K 43 -25.53 24.44 -18.12
C GLY K 43 -24.46 23.41 -18.42
N ILE K 44 -23.55 23.76 -19.32
CA ILE K 44 -22.46 22.87 -19.69
C ILE K 44 -21.58 22.71 -18.47
N ARG K 45 -21.27 23.84 -17.85
CA ARG K 45 -20.46 23.88 -16.64
C ARG K 45 -21.11 22.89 -15.66
N THR K 46 -22.38 23.13 -15.38
CA THR K 46 -23.16 22.29 -14.48
C THR K 46 -23.03 20.81 -14.85
N LEU K 47 -23.49 20.45 -16.05
CA LEU K 47 -23.42 19.06 -16.47
C LEU K 47 -22.03 18.47 -16.31
N VAL K 48 -21.00 19.25 -16.59
CA VAL K 48 -19.63 18.74 -16.45
C VAL K 48 -19.28 18.54 -14.99
N MET K 49 -19.75 19.41 -14.11
CA MET K 49 -19.46 19.23 -12.68
C MET K 49 -20.20 18.00 -12.15
N LEU K 50 -21.48 17.93 -12.48
CA LEU K 50 -22.31 16.81 -12.03
C LEU K 50 -21.63 15.51 -12.42
N ASP K 51 -21.26 15.43 -13.69
CA ASP K 51 -20.60 14.27 -14.26
C ASP K 51 -19.35 13.87 -13.46
N GLU K 52 -18.49 14.83 -13.14
CA GLU K 52 -17.29 14.50 -12.38
C GLU K 52 -17.63 14.07 -10.97
N GLN K 53 -18.49 14.84 -10.31
CA GLN K 53 -18.92 14.53 -8.96
C GLN K 53 -19.50 13.13 -8.92
N GLY K 54 -20.27 12.80 -9.95
CA GLY K 54 -20.87 11.47 -10.02
C GLY K 54 -19.79 10.42 -10.01
N GLU K 55 -18.67 10.74 -10.65
CA GLU K 55 -17.56 9.82 -10.73
C GLU K 55 -16.87 9.78 -9.37
N GLN K 56 -17.00 10.84 -8.58
CA GLN K 56 -16.43 10.82 -7.25
C GLN K 56 -17.29 9.87 -6.42
N LEU K 57 -18.60 9.89 -6.65
CA LEU K 57 -19.46 8.98 -5.90
C LEU K 57 -19.12 7.54 -6.28
N ASP K 58 -18.89 7.28 -7.57
CA ASP K 58 -18.53 5.93 -8.00
C ASP K 58 -17.29 5.45 -7.25
N ARG K 59 -16.39 6.37 -6.96
CA ARG K 59 -15.19 5.99 -6.23
C ARG K 59 -15.58 5.71 -4.79
N VAL K 60 -16.36 6.59 -4.20
CA VAL K 60 -16.82 6.42 -2.83
C VAL K 60 -17.51 5.07 -2.64
N GLU K 61 -18.30 4.69 -3.63
CA GLU K 61 -19.00 3.41 -3.54
C GLU K 61 -18.00 2.27 -3.57
N GLU K 62 -17.09 2.33 -4.53
CA GLU K 62 -16.09 1.29 -4.68
C GLU K 62 -15.33 1.14 -3.36
N GLY K 63 -15.07 2.26 -2.71
CA GLY K 63 -14.37 2.21 -1.43
C GLY K 63 -15.22 1.48 -0.40
N MET K 64 -16.53 1.67 -0.44
CA MET K 64 -17.37 0.97 0.52
C MET K 64 -17.17 -0.51 0.21
N ASN K 65 -17.13 -0.84 -1.08
CA ASN K 65 -16.92 -2.23 -1.49
C ASN K 65 -15.56 -2.77 -1.02
N HIS K 66 -14.52 -1.97 -1.16
CA HIS K 66 -13.19 -2.41 -0.75
C HIS K 66 -13.19 -2.68 0.77
N ILE K 67 -13.87 -1.82 1.54
CA ILE K 67 -13.94 -2.01 2.99
C ILE K 67 -14.71 -3.30 3.27
N ASN K 68 -15.70 -3.57 2.43
CA ASN K 68 -16.47 -4.78 2.59
C ASN K 68 -15.56 -6.00 2.47
N GLN K 69 -14.79 -6.05 1.39
CA GLN K 69 -13.86 -7.15 1.14
C GLN K 69 -12.81 -7.25 2.22
N ASP K 70 -12.13 -6.14 2.48
CA ASP K 70 -11.09 -6.14 3.49
C ASP K 70 -11.61 -6.52 4.87
N MET K 71 -12.83 -6.13 5.23
CA MET K 71 -13.30 -6.49 6.55
C MET K 71 -13.44 -8.01 6.67
N LYS K 72 -13.74 -8.69 5.55
CA LYS K 72 -13.85 -10.14 5.59
C LYS K 72 -12.52 -10.72 6.08
N GLU K 73 -11.42 -10.26 5.48
CA GLU K 73 -10.10 -10.74 5.89
C GLU K 73 -9.80 -10.39 7.33
N ALA K 74 -10.16 -9.17 7.73
CA ALA K 74 -9.91 -8.72 9.08
C ALA K 74 -10.62 -9.64 10.06
N GLU K 75 -11.90 -9.86 9.81
CA GLU K 75 -12.69 -10.70 10.69
C GLU K 75 -12.12 -12.11 10.84
N LYS K 76 -11.76 -12.77 9.75
CA LYS K 76 -11.23 -14.11 9.95
C LYS K 76 -9.86 -14.04 10.58
N ASN K 77 -9.15 -12.95 10.35
CA ASN K 77 -7.84 -12.81 10.99
C ASN K 77 -8.06 -12.66 12.47
N LEU K 78 -9.14 -12.00 12.87
CA LEU K 78 -9.43 -11.85 14.29
C LEU K 78 -9.73 -13.25 14.83
N LYS K 79 -10.51 -14.01 14.07
CA LYS K 79 -10.85 -15.37 14.48
C LYS K 79 -9.61 -16.24 14.67
N ASP K 80 -8.72 -16.25 13.68
CA ASP K 80 -7.50 -17.04 13.78
C ASP K 80 -6.73 -16.65 15.06
N LEU K 81 -6.99 -15.44 15.53
CA LEU K 81 -6.34 -14.94 16.73
C LEU K 81 -7.03 -15.45 17.97
N GLY K 82 -8.36 -15.44 17.95
CA GLY K 82 -9.10 -15.91 19.10
C GLY K 82 -9.06 -17.42 19.20
N LYS K 83 -8.41 -18.04 18.22
CA LYS K 83 -8.26 -19.50 18.14
C LYS K 83 -8.51 -20.26 19.44
N GLY L 13 -37.78 31.29 -34.09
CA GLY L 13 -39.09 31.85 -33.67
C GLY L 13 -39.29 33.22 -34.29
N PHE L 14 -40.46 33.48 -34.89
CA PHE L 14 -40.68 34.78 -35.53
C PHE L 14 -41.88 35.63 -35.08
N ILE L 15 -41.63 36.93 -35.09
CA ILE L 15 -42.55 37.98 -34.69
C ILE L 15 -43.61 38.37 -35.74
N ARG L 16 -44.07 39.61 -35.63
CA ARG L 16 -45.06 40.22 -36.50
C ARG L 16 -44.42 41.51 -36.99
N ARG L 17 -44.20 41.60 -38.30
CA ARG L 17 -43.54 42.76 -38.93
C ARG L 17 -44.44 43.94 -39.26
N VAL L 18 -43.86 45.15 -39.15
CA VAL L 18 -44.59 46.41 -39.40
C VAL L 18 -43.57 47.49 -39.81
N THR L 19 -42.89 47.20 -40.90
CA THR L 19 -41.83 48.03 -41.45
C THR L 19 -40.68 47.06 -41.27
N ASN L 20 -40.46 46.28 -42.31
CA ASN L 20 -39.43 45.22 -42.32
C ASN L 20 -37.99 45.63 -42.09
N ASP L 21 -37.78 46.91 -41.82
CA ASP L 21 -36.44 47.40 -41.60
C ASP L 21 -35.59 46.38 -40.84
N ALA L 22 -34.33 46.24 -41.23
CA ALA L 22 -33.41 45.28 -40.60
C ALA L 22 -33.62 45.09 -39.10
N ARG L 23 -34.16 46.12 -38.44
CA ARG L 23 -34.44 46.02 -37.02
C ARG L 23 -35.43 44.88 -36.85
N GLU L 24 -36.58 44.99 -37.54
CA GLU L 24 -37.60 43.95 -37.47
C GLU L 24 -37.12 42.64 -38.09
N ASN L 25 -35.93 42.66 -38.70
CA ASN L 25 -35.40 41.46 -39.30
C ASN L 25 -34.46 40.80 -38.31
N GLU L 26 -33.59 41.61 -37.72
CA GLU L 26 -32.66 41.09 -36.72
C GLU L 26 -33.50 40.55 -35.58
N MET L 27 -34.42 41.37 -35.06
CA MET L 27 -35.28 40.95 -33.96
C MET L 27 -35.69 39.51 -34.25
N ASP L 28 -36.31 39.33 -35.39
CA ASP L 28 -36.81 38.04 -35.83
C ASP L 28 -35.73 36.96 -35.85
N GLU L 29 -34.60 37.23 -36.49
CA GLU L 29 -33.56 36.21 -36.54
C GLU L 29 -32.88 35.99 -35.20
N ASN L 30 -32.97 36.95 -34.29
CA ASN L 30 -32.39 36.76 -32.97
C ASN L 30 -33.23 35.67 -32.32
N LEU L 31 -34.54 35.78 -32.51
CA LEU L 31 -35.45 34.80 -31.94
C LEU L 31 -35.14 33.42 -32.53
N GLU L 32 -34.48 33.40 -33.68
CA GLU L 32 -34.12 32.12 -34.29
C GLU L 32 -33.17 31.47 -33.31
N GLN L 33 -32.01 32.08 -33.15
CA GLN L 33 -31.01 31.53 -32.25
C GLN L 33 -31.59 31.24 -30.88
N VAL L 34 -32.18 32.27 -30.25
CA VAL L 34 -32.75 32.09 -28.93
C VAL L 34 -33.58 30.81 -28.90
N SER L 35 -34.62 30.74 -29.74
CA SER L 35 -35.44 29.54 -29.78
C SER L 35 -34.55 28.31 -29.91
N GLY L 36 -33.56 28.39 -30.79
CA GLY L 36 -32.66 27.26 -30.98
C GLY L 36 -31.96 26.86 -29.70
N ILE L 37 -31.20 27.79 -29.13
CA ILE L 37 -30.48 27.53 -27.89
C ILE L 37 -31.38 26.96 -26.80
N ILE L 38 -32.57 27.53 -26.66
CA ILE L 38 -33.49 27.05 -25.64
C ILE L 38 -33.80 25.57 -25.85
N GLY L 39 -33.71 25.13 -27.10
CA GLY L 39 -33.95 23.72 -27.39
C GLY L 39 -32.83 22.89 -26.77
N ASN L 40 -31.67 23.52 -26.60
CA ASN L 40 -30.51 22.88 -26.00
C ASN L 40 -30.59 22.99 -24.49
N LEU L 41 -31.01 24.17 -24.02
CA LEU L 41 -31.13 24.40 -22.60
C LEU L 41 -32.07 23.34 -22.03
N ARG L 42 -33.08 22.96 -22.83
CA ARG L 42 -34.03 21.94 -22.40
C ARG L 42 -33.31 20.60 -22.16
N HIS L 43 -32.69 20.05 -23.20
CA HIS L 43 -31.99 18.78 -23.07
C HIS L 43 -30.97 18.83 -21.94
N MET L 44 -30.19 19.91 -21.88
CA MET L 44 -29.19 20.04 -20.81
C MET L 44 -29.86 19.95 -19.45
N ALA L 45 -31.12 20.38 -19.39
CA ALA L 45 -31.88 20.38 -18.14
C ALA L 45 -32.41 18.99 -17.83
N LEU L 46 -32.91 18.31 -18.85
CA LEU L 46 -33.41 16.96 -18.62
C LEU L 46 -32.23 16.11 -18.15
N ASP L 47 -31.07 16.30 -18.77
CA ASP L 47 -29.87 15.55 -18.40
C ASP L 47 -29.54 15.84 -16.95
N MET L 48 -29.52 17.11 -16.61
CA MET L 48 -29.24 17.55 -15.25
C MET L 48 -30.10 16.74 -14.30
N GLY L 49 -31.39 16.71 -14.58
CA GLY L 49 -32.33 15.99 -13.76
C GLY L 49 -32.01 14.51 -13.67
N ASN L 50 -31.81 13.85 -14.81
CA ASN L 50 -31.52 12.43 -14.79
C ASN L 50 -30.24 12.12 -14.02
N GLU L 51 -29.20 12.90 -14.24
CA GLU L 51 -27.95 12.63 -13.54
C GLU L 51 -28.14 12.78 -12.05
N ILE L 52 -28.92 13.77 -11.65
CA ILE L 52 -29.15 13.99 -10.23
C ILE L 52 -30.04 12.90 -9.58
N ASP L 53 -30.98 12.33 -10.35
CA ASP L 53 -31.79 11.26 -9.77
C ASP L 53 -30.86 10.08 -9.54
N THR L 54 -30.10 9.76 -10.57
CA THR L 54 -29.16 8.65 -10.51
C THR L 54 -28.25 8.76 -9.31
N GLN L 55 -27.68 9.94 -9.11
CA GLN L 55 -26.77 10.15 -8.01
C GLN L 55 -27.47 10.09 -6.66
N ASN L 56 -28.72 10.55 -6.61
CA ASN L 56 -29.46 10.49 -5.38
C ASN L 56 -29.66 9.02 -5.06
N ARG L 57 -30.17 8.26 -6.03
CA ARG L 57 -30.40 6.83 -5.81
C ARG L 57 -29.13 6.14 -5.36
N GLN L 58 -28.02 6.57 -5.92
CA GLN L 58 -26.73 5.96 -5.58
C GLN L 58 -26.26 6.34 -4.20
N ILE L 59 -26.40 7.62 -3.86
CA ILE L 59 -26.00 8.10 -2.54
C ILE L 59 -26.71 7.21 -1.54
N ASP L 60 -27.98 6.94 -1.80
CA ASP L 60 -28.74 6.06 -0.91
C ASP L 60 -27.98 4.76 -0.78
N ARG L 61 -27.74 4.08 -1.90
CA ARG L 61 -27.01 2.83 -1.87
C ARG L 61 -25.68 2.95 -1.15
N ILE L 62 -24.96 4.05 -1.37
CA ILE L 62 -23.66 4.17 -0.69
C ILE L 62 -23.89 4.16 0.81
N MET L 63 -24.84 4.96 1.29
CA MET L 63 -25.15 5.00 2.71
C MET L 63 -25.54 3.62 3.20
N GLU L 64 -26.28 2.90 2.37
CA GLU L 64 -26.69 1.56 2.74
C GLU L 64 -25.38 0.77 2.97
N LYS L 65 -24.45 0.82 2.02
CA LYS L 65 -23.18 0.10 2.17
C LYS L 65 -22.36 0.67 3.31
N ALA L 66 -22.42 1.98 3.48
CA ALA L 66 -21.71 2.65 4.56
C ALA L 66 -22.08 2.03 5.91
N ASP L 67 -23.37 1.96 6.19
CA ASP L 67 -23.85 1.39 7.45
C ASP L 67 -23.30 0.01 7.72
N SER L 68 -23.59 -0.91 6.80
CA SER L 68 -23.14 -2.28 6.90
C SER L 68 -21.67 -2.38 7.24
N ASN L 69 -20.89 -1.42 6.75
CA ASN L 69 -19.46 -1.42 7.00
C ASN L 69 -19.07 -0.87 8.38
N LYS L 70 -19.76 0.17 8.83
CA LYS L 70 -19.44 0.75 10.14
C LYS L 70 -19.84 -0.26 11.20
N THR L 71 -20.93 -0.99 10.93
CA THR L 71 -21.40 -1.99 11.87
C THR L 71 -20.32 -3.04 12.04
N ARG L 72 -19.91 -3.68 10.94
CA ARG L 72 -18.89 -4.71 11.02
C ARG L 72 -17.58 -4.16 11.56
N ILE L 73 -17.25 -2.92 11.21
CA ILE L 73 -16.03 -2.29 11.70
C ILE L 73 -16.12 -2.11 13.21
N ASP L 74 -17.32 -1.78 13.67
CA ASP L 74 -17.54 -1.57 15.10
C ASP L 74 -17.45 -2.88 15.87
N GLU L 75 -18.08 -3.93 15.33
CA GLU L 75 -18.04 -5.22 15.98
C GLU L 75 -16.63 -5.80 15.91
N ALA L 76 -15.93 -5.52 14.83
CA ALA L 76 -14.57 -6.01 14.69
C ALA L 76 -13.68 -5.23 15.63
N ASN L 77 -14.08 -4.01 15.95
CA ASN L 77 -13.27 -3.22 16.85
C ASN L 77 -13.48 -3.65 18.30
N GLN L 78 -14.71 -3.97 18.69
CA GLN L 78 -14.92 -4.38 20.07
C GLN L 78 -14.33 -5.77 20.37
N ARG L 79 -14.39 -6.70 19.42
CA ARG L 79 -13.79 -7.99 19.72
C ARG L 79 -12.29 -7.87 19.58
N ALA L 80 -11.85 -6.75 19.03
CA ALA L 80 -10.42 -6.52 18.90
C ALA L 80 -10.02 -5.91 20.25
N THR L 81 -10.89 -5.04 20.74
CA THR L 81 -10.65 -4.40 22.01
C THR L 81 -10.67 -5.45 23.11
N LYS L 82 -11.65 -6.33 23.06
CA LYS L 82 -11.76 -7.37 24.06
C LYS L 82 -10.44 -8.15 24.15
N MET L 83 -9.97 -8.69 23.03
CA MET L 83 -8.73 -9.45 23.07
C MET L 83 -7.46 -8.65 23.36
N LEU L 84 -7.54 -7.32 23.28
CA LEU L 84 -6.38 -6.51 23.57
C LEU L 84 -6.02 -6.74 25.03
N GLY L 85 -7.05 -6.78 25.88
CA GLY L 85 -6.85 -7.01 27.29
C GLY L 85 -7.22 -8.44 27.68
SR SR M . -6.58 5.58 14.81
SR SR N . -13.60 14.02 10.81
C1 MPD O . -20.90 22.47 0.79
C2 MPD O . -21.77 23.38 1.62
O2 MPD O . -22.47 22.41 2.54
CM MPD O . -21.27 24.33 2.70
C3 MPD O . -22.83 24.13 0.73
C4 MPD O . -23.45 23.36 -0.36
O4 MPD O . -24.13 22.33 0.38
C5 MPD O . -24.45 24.28 -1.11
C1 MPD P . -3.40 6.84 20.93
C2 MPD P . -4.36 6.67 22.07
O2 MPD P . -4.54 5.17 22.08
CM MPD P . -4.03 6.81 23.55
C3 MPD P . -5.74 7.39 21.76
C4 MPD P . -6.24 7.34 20.37
O4 MPD P . -6.42 5.95 20.19
C5 MPD P . -7.57 8.12 20.32
SR SR Q . 18.92 -13.85 19.42
SR SR R . 30.73 -7.56 -3.30
SR SR S . 32.64 -6.85 -0.16
SR SR T . 18.52 12.95 11.59
SR SR U . -4.60 2.83 0.49
SR SR V . 20.32 -30.86 0.11
C1 MPD W . 9.64 2.47 5.12
C2 MPD W . 10.80 1.74 5.76
O2 MPD W . 11.91 1.96 4.78
CM MPD W . 11.56 2.16 7.01
C3 MPD W . 10.52 0.22 5.85
C4 MPD W . 9.80 -0.32 4.68
O4 MPD W . 10.78 -0.04 3.68
C5 MPD W . 9.57 -1.85 4.91
SR SR X . -5.63 -19.63 -2.22
SR SR Y . -5.89 -19.72 -5.52
SR SR Z . -6.02 -17.86 0.83
C1 MPD AA . -7.41 6.67 -6.13
C2 MPD AA . -7.67 5.29 -5.57
O2 MPD AA . -6.29 4.68 -5.61
CM MPD AA . -7.96 4.95 -4.12
C3 MPD AA . -8.65 4.46 -6.48
C4 MPD AA . -8.54 4.62 -7.95
O4 MPD AA . -7.22 4.11 -8.19
C5 MPD AA . -9.63 3.74 -8.62
C1 MPD BA . -18.73 13.22 13.06
C2 MPD BA . -18.15 12.05 13.83
O2 MPD BA . -18.66 12.34 15.23
CM MPD BA . -18.64 10.62 13.78
C3 MPD BA . -16.57 12.06 13.80
C4 MPD BA . -15.85 13.36 13.86
O4 MPD BA . -16.24 13.87 15.13
C5 MPD BA . -14.33 13.07 13.78
SR SR CA . -30.80 34.25 -8.13
SR SR DA . -20.95 30.48 -26.93
C1 MPD EA . -8.87 -19.50 7.71
C2 MPD EA . -7.69 -20.00 6.89
O2 MPD EA . -6.54 -19.68 7.81
CM MPD EA . -7.30 -21.45 6.66
C3 MPD EA . -7.53 -19.19 5.54
C4 MPD EA . -7.86 -17.75 5.54
O4 MPD EA . -6.95 -17.23 6.50
C5 MPD EA . -7.63 -17.20 4.10
C1 MPD FA . -43.33 53.58 -38.02
C2 MPD FA . -44.65 53.44 -38.75
O2 MPD FA . -44.53 54.44 -39.86
CM MPD FA . -45.06 52.26 -39.62
C3 MPD FA . -45.86 53.83 -37.81
C4 MPD FA . -45.66 54.96 -36.89
O4 MPD FA . -45.43 56.02 -37.82
C5 MPD FA . -46.94 55.16 -36.07
#